data_3TW5
#
_entry.id   3TW5
#
_cell.length_a   195.480
_cell.length_b   195.480
_cell.length_c   137.300
_cell.angle_alpha   90.00
_cell.angle_beta   90.00
_cell.angle_gamma   120.00
#
_symmetry.space_group_name_H-M   'P 62 2 2'
#
loop_
_entity.id
_entity.type
_entity.pdbx_description
1 polymer 'Transglutaminase elicitor'
2 non-polymer '3-CYCLOHEXYL-1-PROPYLSULFONIC ACID'
#
_entity_poly.entity_id   1
_entity_poly.type   'polypeptide(L)'
_entity_poly.pdbx_seq_one_letter_code
;EANGNQDIAKLEAYFGTKMEMTLKDLPTVGVHTPSPWAGPYWPTYQDSINVQWSQGQPSAAEKYAKAFGKDVKTFMDAVS
KKNGIDSQSGRKKCSSDDDCSTLTDGSSCSIRTGKTSGYCIPTWFGISHAWSPAAILETEPKCPVKHNGVTFQPMDLKAL
VSLVYDGARVQTVFTGARFNGGTDTTDEYGRHSNNAYRDLNPAYFHIASANILGKLNSTFVADVTAGAEVWNQPVRGFKV
YEQTEMTLEEGAQTFYGLEAYPWNAAAKSLVYVKSRLSWIYETYTDGGLVSSGQIDKFTTGQYYYYLLELDDAGEIIGGE
WVYGSDDDHPDFLWLPKAKPAANTVTSVGLSYADVSMLLKKSAACTA
;
_entity_poly.pdbx_strand_id   A,B
#
# COMPACT_ATOMS: atom_id res chain seq x y z
N GLU A 1 -17.73 8.69 -17.21
CA GLU A 1 -19.06 8.60 -16.56
C GLU A 1 -19.68 9.98 -16.36
N ALA A 2 -20.99 10.08 -16.59
CA ALA A 2 -21.76 11.33 -16.51
C ALA A 2 -21.63 12.08 -15.17
N ASN A 3 -21.80 13.39 -15.23
CA ASN A 3 -21.60 14.29 -14.10
C ASN A 3 -22.92 14.70 -13.43
N GLY A 4 -22.96 14.58 -12.10
CA GLY A 4 -24.15 14.94 -11.31
C GLY A 4 -24.19 16.41 -10.88
N ASN A 5 -25.24 17.11 -11.32
CA ASN A 5 -25.39 18.54 -11.03
C ASN A 5 -25.81 18.88 -9.58
N GLN A 6 -25.90 17.85 -8.74
CA GLN A 6 -26.30 18.01 -7.34
C GLN A 6 -25.26 18.81 -6.53
N ASP A 7 -23.99 18.44 -6.67
CA ASP A 7 -22.89 19.10 -5.95
C ASP A 7 -22.58 20.48 -6.52
N ILE A 8 -22.76 20.63 -7.84
CA ILE A 8 -22.57 21.93 -8.50
C ILE A 8 -23.61 22.94 -8.02
N ALA A 9 -24.84 22.48 -7.83
CA ALA A 9 -25.93 23.29 -7.29
C ALA A 9 -25.57 23.87 -5.93
N LYS A 10 -25.06 23.04 -5.04
CA LYS A 10 -24.64 23.46 -3.70
C LYS A 10 -23.62 24.60 -3.78
N LEU A 11 -22.67 24.47 -4.70
CA LEU A 11 -21.64 25.49 -4.91
C LEU A 11 -22.23 26.79 -5.48
N GLU A 12 -23.08 26.65 -6.49
CA GLU A 12 -23.70 27.80 -7.16
C GLU A 12 -24.60 28.59 -6.22
N ALA A 13 -25.24 27.88 -5.29
CA ALA A 13 -26.05 28.50 -4.25
C ALA A 13 -25.19 29.31 -3.27
N TYR A 14 -24.10 28.72 -2.81
CA TYR A 14 -23.19 29.37 -1.86
C TYR A 14 -22.48 30.58 -2.47
N PHE A 15 -22.01 30.44 -3.71
CA PHE A 15 -21.27 31.53 -4.36
C PHE A 15 -22.17 32.56 -5.04
N GLY A 16 -23.43 32.19 -5.26
CA GLY A 16 -24.40 33.08 -5.89
C GLY A 16 -24.08 33.37 -7.35
N THR A 17 -23.37 32.43 -7.98
CA THR A 17 -23.00 32.54 -9.39
C THR A 17 -22.86 31.14 -10.01
N LYS A 18 -23.13 31.06 -11.32
CA LYS A 18 -23.01 29.79 -12.05
C LYS A 18 -21.55 29.36 -12.16
N MET A 19 -21.32 28.04 -12.18
CA MET A 19 -19.98 27.49 -12.36
C MET A 19 -19.63 27.46 -13.84
N GLU A 20 -18.38 27.74 -14.16
CA GLU A 20 -17.91 27.63 -15.55
C GLU A 20 -17.71 26.16 -15.90
N MET A 21 -18.33 25.73 -17.00
CA MET A 21 -18.37 24.32 -17.38
C MET A 21 -17.67 24.05 -18.72
N THR A 22 -17.32 25.13 -19.42
CA THR A 22 -16.61 25.03 -20.70
C THR A 22 -15.11 24.97 -20.44
N LEU A 23 -14.50 23.83 -20.73
CA LEU A 23 -13.10 23.56 -20.41
C LEU A 23 -12.13 24.65 -20.86
N LYS A 24 -12.28 25.10 -22.12
CA LYS A 24 -11.40 26.10 -22.71
C LYS A 24 -11.47 27.47 -22.01
N ASP A 25 -12.57 27.70 -21.30
CA ASP A 25 -12.78 28.96 -20.57
C ASP A 25 -12.34 28.90 -19.10
N LEU A 26 -11.99 27.69 -18.63
CA LEU A 26 -11.53 27.52 -17.26
C LEU A 26 -10.07 27.94 -17.11
N PRO A 27 -9.70 28.49 -15.95
CA PRO A 27 -8.28 28.77 -15.70
C PRO A 27 -7.49 27.48 -15.52
N THR A 28 -6.19 27.54 -15.80
CA THR A 28 -5.33 26.37 -15.69
C THR A 28 -4.45 26.48 -14.45
N VAL A 29 -4.61 27.58 -13.71
CA VAL A 29 -3.89 27.82 -12.47
C VAL A 29 -4.74 28.68 -11.52
N GLY A 30 -4.76 28.29 -10.25
CA GLY A 30 -5.45 29.05 -9.22
C GLY A 30 -4.74 28.88 -7.90
N VAL A 31 -4.24 29.97 -7.35
CA VAL A 31 -3.58 29.95 -6.04
C VAL A 31 -4.33 30.85 -5.07
N HIS A 32 -4.60 30.32 -3.88
CA HIS A 32 -5.29 31.08 -2.85
C HIS A 32 -4.31 31.86 -1.98
N THR A 33 -4.48 33.18 -1.97
CA THR A 33 -3.66 34.07 -1.13
C THR A 33 -4.55 34.87 -0.17
N PRO A 34 -4.15 34.98 1.11
CA PRO A 34 -2.95 34.34 1.67
C PRO A 34 -3.14 32.84 1.82
N SER A 35 -2.03 32.10 1.79
CA SER A 35 -2.07 30.66 1.98
C SER A 35 -2.66 30.31 3.35
N PRO A 36 -3.43 29.21 3.41
CA PRO A 36 -3.83 28.69 4.71
C PRO A 36 -2.58 28.32 5.51
N TRP A 37 -2.59 28.62 6.82
CA TRP A 37 -1.41 28.38 7.65
C TRP A 37 -1.24 26.92 8.07
N ALA A 38 0.01 26.55 8.33
CA ALA A 38 0.32 25.19 8.77
C ALA A 38 0.17 25.06 10.28
N GLY A 39 -0.28 23.89 10.70
CA GLY A 39 -0.47 23.59 12.12
C GLY A 39 -0.77 22.11 12.29
N PRO A 40 -0.61 21.58 13.51
CA PRO A 40 -0.82 20.15 13.68
C PRO A 40 -2.29 19.78 13.83
N TYR A 41 -2.57 18.48 13.78
CA TYR A 41 -3.91 17.97 13.96
C TYR A 41 -4.15 17.60 15.42
N TRP A 42 -3.26 18.08 16.29
CA TRP A 42 -3.37 17.91 17.76
C TRP A 42 -3.93 16.56 18.16
N PRO A 43 -3.15 15.49 17.93
CA PRO A 43 -3.64 14.12 18.04
C PRO A 43 -4.25 13.79 19.39
N THR A 44 -5.24 12.91 19.36
CA THR A 44 -5.93 12.44 20.57
C THR A 44 -4.98 11.65 21.46
N TYR A 45 -4.15 10.80 20.84
CA TYR A 45 -3.25 9.92 21.58
C TYR A 45 -2.17 10.69 22.36
N GLN A 46 -1.98 11.96 22.04
CA GLN A 46 -1.06 12.83 22.79
C GLN A 46 -1.79 13.81 23.70
N ASP A 47 -3.06 13.51 23.96
CA ASP A 47 -3.95 14.31 24.82
C ASP A 47 -4.26 15.69 24.23
N SER A 48 -4.63 15.71 22.96
CA SER A 48 -5.05 16.93 22.26
C SER A 48 -4.13 18.13 22.54
N ILE A 49 -4.72 19.25 22.94
CA ILE A 49 -3.96 20.49 23.16
C ILE A 49 -3.34 20.57 24.55
N ASN A 50 -3.50 19.51 25.35
CA ASN A 50 -2.82 19.37 26.63
C ASN A 50 -1.33 19.05 26.44
N VAL A 51 -0.96 18.67 25.23
CA VAL A 51 0.42 18.30 24.90
C VAL A 51 1.37 19.49 25.06
N GLN A 52 2.54 19.20 25.62
CA GLN A 52 3.61 20.18 25.66
C GLN A 52 4.43 20.06 24.37
N TRP A 53 4.02 20.81 23.36
CA TRP A 53 4.69 20.82 22.05
C TRP A 53 6.08 21.45 22.17
N SER A 54 6.22 22.39 23.10
CA SER A 54 7.49 23.03 23.40
C SER A 54 8.03 22.48 24.72
N GLN A 55 9.29 22.05 24.70
CA GLN A 55 9.95 21.45 25.87
C GLN A 55 9.94 22.38 27.08
N GLY A 56 9.53 21.84 28.22
CA GLY A 56 9.53 22.58 29.48
C GLY A 56 8.45 23.65 29.59
N GLN A 57 7.89 24.06 28.45
CA GLN A 57 6.83 25.06 28.42
C GLN A 57 5.46 24.46 28.75
N PRO A 58 4.62 25.21 29.49
CA PRO A 58 3.26 24.74 29.76
C PRO A 58 2.45 24.64 28.48
N SER A 59 1.53 23.68 28.44
CA SER A 59 0.68 23.45 27.27
C SER A 59 -0.22 24.64 26.96
N ALA A 60 -0.74 24.66 25.73
CA ALA A 60 -1.68 25.70 25.29
C ALA A 60 -2.93 25.74 26.15
N ALA A 61 -3.36 24.56 26.62
CA ALA A 61 -4.50 24.46 27.54
C ALA A 61 -4.20 25.14 28.87
N GLU A 62 -3.08 24.75 29.49
CA GLU A 62 -2.64 25.31 30.77
C GLU A 62 -2.46 26.82 30.71
N LYS A 63 -1.92 27.30 29.59
CA LYS A 63 -1.72 28.73 29.37
C LYS A 63 -3.05 29.47 29.28
N TYR A 64 -4.04 28.84 28.65
CA TYR A 64 -5.38 29.42 28.53
C TYR A 64 -6.07 29.50 29.90
N ALA A 65 -5.95 28.44 30.68
CA ALA A 65 -6.50 28.41 32.03
C ALA A 65 -5.92 29.52 32.90
N LYS A 66 -4.58 29.59 32.96
CA LYS A 66 -3.88 30.59 33.76
C LYS A 66 -4.26 32.03 33.42
N ALA A 67 -4.34 32.34 32.12
CA ALA A 67 -4.62 33.69 31.66
C ALA A 67 -6.04 34.16 31.96
N PHE A 68 -7.01 33.26 31.81
CA PHE A 68 -8.42 33.63 31.91
C PHE A 68 -9.08 33.09 33.17
N GLY A 69 -8.27 32.90 34.22
CA GLY A 69 -8.74 32.55 35.56
C GLY A 69 -9.55 31.27 35.68
N LYS A 70 -8.99 30.16 35.19
CA LYS A 70 -9.63 28.86 35.32
C LYS A 70 -8.66 27.88 35.98
N ASP A 71 -9.21 26.85 36.64
CA ASP A 71 -8.38 25.84 37.30
C ASP A 71 -7.71 24.96 36.26
N VAL A 72 -6.38 24.91 36.29
CA VAL A 72 -5.60 24.13 35.33
C VAL A 72 -6.03 22.66 35.30
N LYS A 73 -6.04 22.02 36.47
CA LYS A 73 -6.39 20.61 36.58
C LYS A 73 -7.74 20.27 35.94
N THR A 74 -8.77 21.07 36.19
CA THR A 74 -10.12 20.78 35.69
C THR A 74 -10.32 21.15 34.22
N PHE A 75 -9.68 22.24 33.78
CA PHE A 75 -9.76 22.64 32.38
C PHE A 75 -9.05 21.65 31.46
N MET A 76 -7.86 21.21 31.86
CA MET A 76 -7.12 20.21 31.09
C MET A 76 -7.84 18.87 31.10
N ASP A 77 -8.51 18.55 32.21
CA ASP A 77 -9.32 17.33 32.31
C ASP A 77 -10.52 17.40 31.39
N ALA A 78 -11.08 18.59 31.22
CA ALA A 78 -12.19 18.82 30.31
C ALA A 78 -11.74 18.60 28.87
N VAL A 79 -10.59 19.15 28.53
CA VAL A 79 -9.96 18.96 27.23
C VAL A 79 -9.77 17.47 26.94
N SER A 80 -9.25 16.74 27.94
CA SER A 80 -8.97 15.32 27.79
C SER A 80 -10.23 14.46 27.64
N LYS A 81 -11.30 14.83 28.35
CA LYS A 81 -12.54 14.08 28.34
C LYS A 81 -13.28 14.20 27.01
N LYS A 82 -13.14 15.35 26.35
CA LYS A 82 -13.83 15.60 25.08
C LYS A 82 -12.97 15.26 23.88
N ASN A 83 -11.67 15.58 23.97
CA ASN A 83 -10.78 15.50 22.81
C ASN A 83 -9.48 14.73 23.02
N GLY A 84 -9.09 14.53 24.28
CA GLY A 84 -7.81 13.91 24.61
C GLY A 84 -7.87 12.44 24.95
N ILE A 85 -6.95 12.01 25.81
CA ILE A 85 -6.80 10.61 26.19
C ILE A 85 -8.04 10.07 26.93
N ASP A 86 -8.60 10.88 27.83
CA ASP A 86 -9.76 10.48 28.62
C ASP A 86 -11.03 10.26 27.79
N SER A 87 -11.03 10.77 26.57
CA SER A 87 -12.15 10.58 25.64
C SER A 87 -12.24 9.15 25.10
N GLN A 88 -11.22 8.34 25.38
CA GLN A 88 -11.17 6.96 24.89
C GLN A 88 -11.09 5.93 26.02
N SER A 89 -11.75 6.25 27.14
CA SER A 89 -11.80 5.38 28.34
C SER A 89 -12.20 3.94 28.02
N GLY A 90 -13.00 3.77 26.96
CA GLY A 90 -13.52 2.47 26.57
C GLY A 90 -12.53 1.54 25.89
N ARG A 91 -11.42 2.11 25.42
CA ARG A 91 -10.39 1.34 24.73
C ARG A 91 -9.53 0.54 25.70
N LYS A 92 -8.77 -0.43 25.17
CA LYS A 92 -7.95 -1.33 25.98
C LYS A 92 -6.96 -0.58 26.88
N LYS A 93 -7.06 -0.81 28.18
CA LYS A 93 -6.17 -0.19 29.16
C LYS A 93 -4.73 -0.71 28.99
N CYS A 94 -3.76 0.17 29.23
CA CYS A 94 -2.35 -0.16 29.03
C CYS A 94 -1.39 0.62 29.91
N SER A 95 -0.21 0.04 30.13
CA SER A 95 0.89 0.69 30.86
C SER A 95 2.08 0.97 29.94
N SER A 96 2.22 0.11 28.92
CA SER A 96 3.28 0.25 27.92
C SER A 96 2.74 -0.06 26.52
N ASP A 97 3.53 0.25 25.50
CA ASP A 97 3.14 -0.01 24.10
C ASP A 97 3.02 -1.50 23.77
N ASP A 98 3.67 -2.34 24.58
CA ASP A 98 3.62 -3.80 24.44
C ASP A 98 2.19 -4.32 24.58
N ASP A 99 1.42 -3.65 25.43
CA ASP A 99 0.04 -4.02 25.74
C ASP A 99 -0.91 -3.92 24.55
N CYS A 100 -0.62 -3.00 23.63
CA CYS A 100 -1.51 -2.74 22.48
C CYS A 100 -1.17 -3.55 21.23
N SER A 101 -0.23 -4.49 21.36
CA SER A 101 0.25 -5.28 20.21
C SER A 101 -0.80 -6.24 19.63
N THR A 102 -1.84 -6.54 20.40
CA THR A 102 -2.93 -7.42 19.95
C THR A 102 -3.79 -6.77 18.86
N LEU A 103 -3.95 -5.45 18.94
CA LEU A 103 -4.83 -4.70 18.04
C LEU A 103 -4.23 -4.45 16.66
N THR A 104 -5.09 -4.25 15.67
CA THR A 104 -4.66 -3.96 14.30
C THR A 104 -5.38 -2.71 13.75
N ASP A 105 -5.12 -1.58 14.39
CA ASP A 105 -5.71 -0.29 14.02
C ASP A 105 -4.69 0.84 14.08
N GLY A 106 -3.47 0.51 14.52
CA GLY A 106 -2.39 1.47 14.64
C GLY A 106 -2.36 2.17 15.97
N SER A 107 -2.81 1.47 17.01
CA SER A 107 -2.88 2.02 18.37
C SER A 107 -1.50 2.21 18.97
N SER A 108 -1.43 3.10 19.95
CA SER A 108 -0.22 3.34 20.72
C SER A 108 -0.65 3.66 22.15
N CYS A 109 0.05 3.11 23.13
CA CYS A 109 -0.33 3.34 24.52
C CYS A 109 -0.17 4.80 24.89
N SER A 110 -1.29 5.40 25.29
CA SER A 110 -1.37 6.83 25.53
C SER A 110 -1.62 7.13 27.01
N ILE A 111 -0.63 7.73 27.65
CA ILE A 111 -0.69 8.06 29.06
C ILE A 111 -0.59 9.58 29.24
N ARG A 112 -1.52 10.14 30.00
CA ARG A 112 -1.52 11.57 30.31
C ARG A 112 -0.32 11.97 31.16
N THR A 113 -0.01 13.26 31.18
CA THR A 113 1.07 13.80 31.99
C THR A 113 0.68 13.73 33.47
N GLY A 114 1.49 13.02 34.25
CA GLY A 114 1.21 12.85 35.68
C GLY A 114 0.60 11.49 35.99
N LYS A 115 -0.10 10.93 35.02
CA LYS A 115 -0.71 9.60 35.15
C LYS A 115 0.31 8.49 34.95
N THR A 116 -0.08 7.28 35.33
CA THR A 116 0.83 6.12 35.28
C THR A 116 0.37 5.04 34.29
N SER A 117 -0.92 5.06 33.94
CA SER A 117 -1.47 4.15 32.93
C SER A 117 -2.52 4.85 32.06
N GLY A 118 -2.71 4.36 30.84
CA GLY A 118 -3.64 4.96 29.90
C GLY A 118 -4.39 3.97 29.04
N TYR A 119 -4.66 4.35 27.79
CA TYR A 119 -5.46 3.55 26.87
C TYR A 119 -4.79 3.44 25.52
N CYS A 120 -5.14 2.39 24.77
CA CYS A 120 -4.61 2.18 23.42
C CYS A 120 -5.42 2.96 22.39
N ILE A 121 -4.88 4.09 21.95
CA ILE A 121 -5.54 5.00 21.02
C ILE A 121 -4.81 5.02 19.67
N PRO A 122 -5.57 4.89 18.55
CA PRO A 122 -5.01 5.09 17.22
C PRO A 122 -4.38 6.47 17.06
N THR A 123 -3.22 6.52 16.43
CA THR A 123 -2.42 7.75 16.36
C THR A 123 -2.93 8.78 15.34
N TRP A 124 -3.85 8.37 14.49
CA TRP A 124 -4.40 9.27 13.47
C TRP A 124 -5.58 10.09 13.96
N PHE A 125 -6.22 9.63 15.04
CA PHE A 125 -7.31 10.36 15.71
C PHE A 125 -6.85 11.77 16.05
N GLY A 126 -7.62 12.77 15.62
CA GLY A 126 -7.27 14.16 15.87
C GLY A 126 -8.33 15.16 15.41
N ILE A 127 -7.89 16.40 15.21
CA ILE A 127 -8.79 17.48 14.82
C ILE A 127 -8.35 18.17 13.53
N SER A 128 -7.95 17.38 12.54
CA SER A 128 -7.57 17.90 11.22
C SER A 128 -8.75 18.58 10.54
N HIS A 129 -9.95 18.08 10.82
CA HIS A 129 -11.21 18.64 10.32
C HIS A 129 -11.48 20.02 10.91
N ALA A 130 -10.82 20.33 12.02
CA ALA A 130 -10.99 21.61 12.71
C ALA A 130 -9.88 22.59 12.36
N TRP A 131 -8.65 22.10 12.24
CA TRP A 131 -7.50 22.92 11.87
C TRP A 131 -7.63 23.49 10.45
N SER A 132 -8.03 22.64 9.51
CA SER A 132 -8.14 23.03 8.10
C SER A 132 -8.97 24.27 7.84
N PRO A 133 -10.24 24.29 8.33
CA PRO A 133 -11.05 25.51 8.13
C PRO A 133 -10.49 26.71 8.90
N ALA A 134 -9.84 26.46 10.04
CA ALA A 134 -9.21 27.53 10.80
C ALA A 134 -8.02 28.10 10.03
N ALA A 135 -7.25 27.22 9.40
CA ALA A 135 -6.14 27.63 8.53
C ALA A 135 -6.61 28.58 7.42
N ILE A 136 -7.75 28.27 6.82
CA ILE A 136 -8.33 29.09 5.76
C ILE A 136 -8.90 30.40 6.32
N LEU A 137 -9.93 30.30 7.14
CA LEU A 137 -10.71 31.47 7.56
C LEU A 137 -9.98 32.39 8.52
N GLU A 138 -9.10 31.83 9.34
CA GLU A 138 -8.42 32.60 10.39
C GLU A 138 -7.03 33.10 9.95
N THR A 139 -6.81 34.40 10.10
CA THR A 139 -5.50 35.01 9.86
C THR A 139 -4.47 34.35 10.77
N GLU A 140 -3.31 33.99 10.22
CA GLU A 140 -2.28 33.28 10.97
C GLU A 140 -1.70 34.13 12.11
N PRO A 141 -1.57 33.53 13.31
CA PRO A 141 -0.83 34.17 14.39
C PRO A 141 0.62 34.39 13.95
N LYS A 142 1.12 35.61 14.14
CA LYS A 142 2.46 35.95 13.68
C LYS A 142 3.49 35.92 14.80
N CYS A 143 3.26 36.72 15.85
CA CYS A 143 4.22 36.84 16.94
C CYS A 143 3.55 36.74 18.32
N PRO A 144 4.33 36.43 19.39
CA PRO A 144 3.78 36.13 20.73
C PRO A 144 2.92 37.24 21.33
N VAL A 145 1.99 36.83 22.20
CA VAL A 145 1.08 37.76 22.90
C VAL A 145 1.06 37.45 24.40
N LYS A 146 1.33 38.47 25.20
CA LYS A 146 1.25 38.33 26.66
C LYS A 146 -0.09 38.84 27.16
N HIS A 147 -0.77 38.01 27.95
CA HIS A 147 -2.05 38.37 28.53
C HIS A 147 -2.15 37.81 29.95
N ASN A 148 -2.35 38.71 30.91
CA ASN A 148 -2.34 38.38 32.35
C ASN A 148 -1.13 37.54 32.79
N GLY A 149 0.05 37.98 32.38
CA GLY A 149 1.31 37.38 32.83
C GLY A 149 1.76 36.12 32.12
N VAL A 150 0.92 35.59 31.23
CA VAL A 150 1.29 34.40 30.46
C VAL A 150 1.48 34.70 28.98
N THR A 151 2.60 34.22 28.43
CA THR A 151 2.94 34.42 27.03
C THR A 151 2.35 33.30 26.17
N PHE A 152 1.54 33.69 25.20
CA PHE A 152 0.99 32.76 24.23
C PHE A 152 1.81 32.81 22.94
N GLN A 153 2.37 31.66 22.57
CA GLN A 153 3.10 31.54 21.32
C GLN A 153 2.11 31.42 20.16
N PRO A 154 2.50 31.86 18.95
CA PRO A 154 1.63 31.69 17.78
C PRO A 154 1.12 30.26 17.67
N MET A 155 1.98 29.31 17.99
CA MET A 155 1.62 27.90 17.99
C MET A 155 0.56 27.55 19.05
N ASP A 156 0.69 28.13 20.24
CA ASP A 156 -0.31 27.94 21.30
C ASP A 156 -1.68 28.40 20.82
N LEU A 157 -1.71 29.55 20.13
CA LEU A 157 -2.95 30.11 19.60
C LEU A 157 -3.54 29.25 18.48
N LYS A 158 -2.68 28.64 17.68
CA LYS A 158 -3.10 27.67 16.68
C LYS A 158 -3.82 26.48 17.32
N ALA A 159 -3.33 26.06 18.49
CA ALA A 159 -3.96 24.99 19.27
C ALA A 159 -5.32 25.39 19.78
N LEU A 160 -5.40 26.57 20.39
CA LEU A 160 -6.64 27.08 20.97
C LEU A 160 -7.73 27.25 19.93
N VAL A 161 -7.42 27.95 18.84
CA VAL A 161 -8.40 28.19 17.77
C VAL A 161 -8.82 26.91 17.04
N SER A 162 -7.92 25.94 16.94
CA SER A 162 -8.23 24.66 16.31
C SER A 162 -9.30 23.91 17.12
N LEU A 163 -9.13 23.85 18.43
CA LEU A 163 -10.07 23.17 19.31
C LEU A 163 -11.41 23.90 19.39
N VAL A 164 -11.37 25.23 19.28
CA VAL A 164 -12.58 26.03 19.20
C VAL A 164 -13.43 25.55 18.03
N TYR A 165 -12.81 25.47 16.85
CA TYR A 165 -13.48 25.03 15.63
C TYR A 165 -14.05 23.62 15.74
N ASP A 166 -13.43 22.78 16.56
CA ASP A 166 -13.96 21.45 16.82
C ASP A 166 -15.22 21.53 17.68
N GLY A 167 -15.20 22.40 18.69
CA GLY A 167 -16.30 22.51 19.64
C GLY A 167 -17.48 23.29 19.13
N ALA A 168 -17.23 24.21 18.22
CA ALA A 168 -18.28 25.07 17.67
C ALA A 168 -18.88 24.48 16.41
N ARG A 169 -20.12 24.87 16.12
CA ARG A 169 -20.77 24.55 14.85
C ARG A 169 -20.16 25.44 13.77
N VAL A 170 -19.45 24.83 12.83
CA VAL A 170 -18.93 25.53 11.67
C VAL A 170 -19.74 25.08 10.46
N GLN A 171 -20.43 26.03 9.83
CA GLN A 171 -21.28 25.74 8.68
C GLN A 171 -20.45 25.40 7.45
N THR A 172 -20.77 24.28 6.81
CA THR A 172 -19.98 23.78 5.69
C THR A 172 -20.81 23.60 4.42
N VAL A 173 -20.13 23.71 3.28
CA VAL A 173 -20.66 23.26 1.99
C VAL A 173 -19.95 21.96 1.65
N PHE A 174 -20.59 20.83 1.98
CA PHE A 174 -19.99 19.51 1.81
C PHE A 174 -20.37 18.88 0.48
N THR A 175 -19.36 18.41 -0.26
CA THR A 175 -19.57 17.81 -1.58
C THR A 175 -18.76 16.53 -1.77
N GLY A 176 -19.33 15.59 -2.52
CA GLY A 176 -18.68 14.31 -2.80
C GLY A 176 -19.56 13.11 -2.51
N ASP A 199 -15.71 7.82 -3.50
CA ASP A 199 -15.46 8.21 -4.89
C ASP A 199 -16.03 9.59 -5.24
N LEU A 200 -15.38 10.24 -6.20
CA LEU A 200 -15.67 11.62 -6.58
C LEU A 200 -15.40 11.75 -8.07
N ASN A 201 -16.40 12.21 -8.82
CA ASN A 201 -16.26 12.37 -10.26
C ASN A 201 -15.15 13.35 -10.62
N PRO A 202 -14.23 12.95 -11.52
CA PRO A 202 -13.12 13.83 -11.90
C PRO A 202 -13.58 15.07 -12.66
N ALA A 203 -14.73 14.98 -13.33
CA ALA A 203 -15.35 16.16 -13.95
C ALA A 203 -15.66 17.17 -12.86
N TYR A 204 -16.31 16.72 -11.79
CA TYR A 204 -16.61 17.58 -10.66
C TYR A 204 -15.33 18.13 -10.03
N PHE A 205 -14.35 17.25 -9.82
CA PHE A 205 -13.07 17.66 -9.25
C PHE A 205 -12.46 18.85 -10.00
N HIS A 206 -12.33 18.71 -11.32
CA HIS A 206 -11.75 19.76 -12.17
C HIS A 206 -12.58 21.04 -12.12
N ILE A 207 -13.88 20.91 -12.36
CA ILE A 207 -14.81 22.07 -12.37
C ILE A 207 -14.75 22.84 -11.04
N ALA A 208 -14.82 22.12 -9.92
CA ALA A 208 -14.77 22.74 -8.60
C ALA A 208 -13.42 23.40 -8.33
N SER A 209 -12.33 22.67 -8.58
CA SER A 209 -10.97 23.16 -8.30
C SER A 209 -10.63 24.41 -9.11
N ALA A 210 -11.02 24.41 -10.39
CA ALA A 210 -10.73 25.52 -11.29
C ALA A 210 -11.55 26.77 -10.95
N ASN A 211 -12.84 26.58 -10.67
CA ASN A 211 -13.72 27.68 -10.30
C ASN A 211 -13.39 28.31 -8.95
N ILE A 212 -13.21 27.48 -7.92
CA ILE A 212 -12.98 27.96 -6.56
C ILE A 212 -11.62 28.63 -6.40
N LEU A 213 -10.55 27.91 -6.75
CA LEU A 213 -9.19 28.44 -6.67
C LEU A 213 -8.89 29.51 -7.73
N GLY A 214 -9.45 29.34 -8.93
CA GLY A 214 -9.13 30.19 -10.07
C GLY A 214 -10.02 31.41 -10.27
N LYS A 215 -11.33 31.17 -10.40
CA LYS A 215 -12.29 32.25 -10.71
C LYS A 215 -12.86 32.98 -9.49
N LEU A 216 -12.95 32.28 -8.35
CA LEU A 216 -13.68 32.81 -7.20
C LEU A 216 -12.81 33.26 -6.03
N ASN A 217 -11.49 33.28 -6.23
CA ASN A 217 -10.53 33.72 -5.20
C ASN A 217 -10.74 33.07 -3.84
N SER A 218 -11.05 31.77 -3.85
CA SER A 218 -11.39 31.04 -2.65
C SER A 218 -10.66 29.69 -2.60
N THR A 219 -10.89 28.92 -1.53
CA THR A 219 -10.32 27.56 -1.40
C THR A 219 -11.22 26.61 -0.60
N PHE A 220 -10.80 25.36 -0.45
CA PHE A 220 -11.58 24.34 0.24
C PHE A 220 -10.73 23.36 1.04
N VAL A 221 -11.39 22.39 1.66
CA VAL A 221 -10.74 21.33 2.42
C VAL A 221 -10.96 20.00 1.70
N ALA A 222 -9.90 19.19 1.60
CA ALA A 222 -9.95 17.93 0.87
C ALA A 222 -9.44 16.75 1.70
N ASP A 223 -10.02 15.58 1.46
CA ASP A 223 -9.47 14.33 1.97
C ASP A 223 -8.53 13.78 0.92
N VAL A 224 -7.25 13.74 1.24
CA VAL A 224 -6.22 13.40 0.25
C VAL A 224 -5.66 11.98 0.39
N THR A 225 -6.16 11.21 1.35
CA THR A 225 -5.68 9.84 1.55
C THR A 225 -6.38 8.82 0.68
N ALA A 226 -7.71 8.94 0.57
CA ALA A 226 -8.56 7.95 -0.14
C ALA A 226 -8.46 6.53 0.44
N GLY A 227 -7.73 6.39 1.55
CA GLY A 227 -7.61 5.13 2.27
C GLY A 227 -8.73 4.96 3.29
N ALA A 228 -8.45 4.18 4.33
CA ALA A 228 -9.43 3.91 5.39
C ALA A 228 -9.70 5.16 6.23
N GLU A 229 -8.63 5.71 6.80
CA GLU A 229 -8.72 6.88 7.68
C GLU A 229 -9.01 8.18 6.93
N VAL A 230 -9.69 9.09 7.62
CA VAL A 230 -10.07 10.39 7.08
C VAL A 230 -9.00 11.43 7.43
N TRP A 231 -8.48 12.10 6.41
CA TRP A 231 -7.52 13.20 6.59
C TRP A 231 -8.01 14.47 5.94
N ASN A 232 -7.98 15.57 6.70
CA ASN A 232 -8.38 16.87 6.17
C ASN A 232 -7.18 17.80 6.04
N GLN A 233 -7.06 18.41 4.87
CA GLN A 233 -6.00 19.38 4.60
C GLN A 233 -6.60 20.59 3.88
N PRO A 234 -6.19 21.81 4.27
CA PRO A 234 -6.63 23.00 3.54
C PRO A 234 -5.86 23.15 2.23
N VAL A 235 -6.57 23.39 1.13
CA VAL A 235 -5.94 23.50 -0.18
C VAL A 235 -5.32 24.89 -0.39
N ARG A 236 -4.12 24.92 -0.96
CA ARG A 236 -3.44 26.17 -1.29
C ARG A 236 -3.60 26.51 -2.77
N GLY A 237 -3.60 25.51 -3.63
CA GLY A 237 -3.65 25.76 -5.07
C GLY A 237 -3.94 24.57 -5.96
N PHE A 238 -4.29 24.88 -7.21
CA PHE A 238 -4.59 23.88 -8.22
C PHE A 238 -4.00 24.33 -9.55
N LYS A 239 -3.19 23.47 -10.16
CA LYS A 239 -2.57 23.78 -11.46
C LYS A 239 -2.75 22.64 -12.46
N VAL A 240 -3.16 23.00 -13.67
CA VAL A 240 -3.27 22.06 -14.78
C VAL A 240 -1.93 22.01 -15.50
N TYR A 241 -1.34 20.82 -15.55
CA TYR A 241 -0.03 20.62 -16.15
C TYR A 241 -0.09 20.18 -17.61
N GLU A 242 -1.19 19.54 -17.99
CA GLU A 242 -1.36 19.05 -19.36
C GLU A 242 -2.82 18.90 -19.76
N GLN A 243 -3.15 19.43 -20.95
CA GLN A 243 -4.42 19.16 -21.60
C GLN A 243 -4.12 18.63 -22.99
N THR A 244 -4.62 17.43 -23.28
CA THR A 244 -4.40 16.79 -24.57
C THR A 244 -5.72 16.27 -25.11
N GLU A 245 -6.20 16.89 -26.18
CA GLU A 245 -7.44 16.46 -26.83
C GLU A 245 -7.27 15.07 -27.41
N MET A 246 -8.34 14.28 -27.33
CA MET A 246 -8.36 12.91 -27.84
C MET A 246 -9.74 12.60 -28.41
N THR A 247 -9.77 11.83 -29.49
CA THR A 247 -11.04 11.34 -30.03
C THR A 247 -11.53 10.23 -29.11
N LEU A 248 -12.83 9.96 -29.14
CA LEU A 248 -13.42 8.88 -28.36
C LEU A 248 -12.64 7.58 -28.58
N GLU A 249 -12.35 7.29 -29.85
CA GLU A 249 -11.63 6.09 -30.25
C GLU A 249 -10.20 6.05 -29.72
N GLU A 250 -9.53 7.20 -29.71
CA GLU A 250 -8.17 7.32 -29.17
C GLU A 250 -8.10 7.03 -27.67
N GLY A 251 -9.03 7.64 -26.91
CA GLY A 251 -9.08 7.48 -25.47
C GLY A 251 -9.44 6.05 -25.05
N ALA A 252 -10.43 5.50 -25.73
CA ALA A 252 -10.89 4.13 -25.46
C ALA A 252 -9.78 3.10 -25.62
N GLN A 253 -8.98 3.24 -26.67
CA GLN A 253 -7.88 2.30 -26.92
C GLN A 253 -6.71 2.52 -25.97
N THR A 254 -6.30 3.77 -25.81
CA THR A 254 -5.14 4.10 -24.98
C THR A 254 -5.31 3.68 -23.53
N PHE A 255 -6.51 3.88 -22.98
CA PHE A 255 -6.73 3.69 -21.55
C PHE A 255 -7.54 2.45 -21.16
N TYR A 256 -8.20 1.84 -22.13
CA TYR A 256 -9.09 0.69 -21.85
C TYR A 256 -8.88 -0.50 -22.79
N GLY A 257 -8.20 -0.26 -23.90
CA GLY A 257 -7.97 -1.30 -24.90
C GLY A 257 -9.23 -1.63 -25.69
N LEU A 258 -10.06 -0.62 -25.91
CA LEU A 258 -11.34 -0.80 -26.58
C LEU A 258 -11.44 0.04 -27.85
N GLU A 259 -12.22 -0.44 -28.81
CA GLU A 259 -12.41 0.28 -30.07
C GLU A 259 -13.41 1.43 -29.95
N ALA A 260 -14.31 1.33 -28.97
CA ALA A 260 -15.28 2.38 -28.71
C ALA A 260 -15.26 2.80 -27.23
N TYR A 261 -15.53 4.08 -26.99
CA TYR A 261 -15.61 4.63 -25.64
C TYR A 261 -16.95 4.25 -24.98
N PRO A 262 -16.89 3.50 -23.87
CA PRO A 262 -18.12 2.96 -23.27
C PRO A 262 -18.76 3.80 -22.18
N TRP A 263 -18.00 4.68 -21.54
CA TRP A 263 -18.39 5.29 -20.27
C TRP A 263 -19.43 6.41 -20.32
N ASN A 264 -19.75 6.89 -21.51
CA ASN A 264 -20.74 7.95 -21.69
C ASN A 264 -21.20 8.06 -23.14
N ALA A 265 -22.44 7.64 -23.38
CA ALA A 265 -23.02 7.68 -24.73
C ALA A 265 -23.06 9.10 -25.30
N ALA A 266 -23.27 10.08 -24.41
CA ALA A 266 -23.42 11.48 -24.80
C ALA A 266 -22.09 12.20 -25.04
N ALA A 267 -20.98 11.56 -24.70
CA ALA A 267 -19.65 12.16 -24.85
C ALA A 267 -19.24 12.24 -26.32
N LYS A 268 -18.84 13.43 -26.76
CA LYS A 268 -18.47 13.67 -28.16
C LYS A 268 -16.97 13.62 -28.41
N SER A 269 -16.18 14.12 -27.46
CA SER A 269 -14.72 14.03 -27.52
C SER A 269 -14.12 13.96 -26.12
N LEU A 270 -12.82 13.68 -26.04
CA LEU A 270 -12.15 13.51 -24.76
C LEU A 270 -10.96 14.44 -24.62
N VAL A 271 -10.61 14.78 -23.38
CA VAL A 271 -9.40 15.53 -23.09
C VAL A 271 -8.67 14.86 -21.93
N TYR A 272 -7.44 14.41 -22.17
CA TYR A 272 -6.61 13.87 -21.11
C TYR A 272 -6.03 15.03 -20.32
N VAL A 273 -6.27 15.01 -19.01
CA VAL A 273 -5.78 16.08 -18.15
C VAL A 273 -4.88 15.52 -17.07
N LYS A 274 -3.74 16.17 -16.88
CA LYS A 274 -2.87 15.93 -15.74
C LYS A 274 -2.79 17.25 -14.97
N SER A 275 -3.22 17.20 -13.71
CA SER A 275 -3.26 18.39 -12.85
C SER A 275 -2.73 18.06 -11.46
N ARG A 276 -2.32 19.10 -10.74
CA ARG A 276 -1.79 18.93 -9.39
C ARG A 276 -2.55 19.78 -8.38
N LEU A 277 -2.98 19.12 -7.31
CA LEU A 277 -3.58 19.80 -6.16
C LEU A 277 -2.50 20.03 -5.12
N SER A 278 -2.51 21.21 -4.51
CA SER A 278 -1.50 21.57 -3.51
C SER A 278 -2.15 21.94 -2.18
N TRP A 279 -1.72 21.26 -1.12
CA TRP A 279 -2.29 21.49 0.21
C TRP A 279 -1.22 21.64 1.28
N ILE A 280 -1.64 22.16 2.43
CA ILE A 280 -0.76 22.40 3.57
C ILE A 280 -0.78 21.19 4.49
N TYR A 281 0.38 20.79 5.00
CA TYR A 281 0.44 19.68 5.95
C TYR A 281 0.89 20.08 7.37
N GLU A 282 0.75 19.15 8.31
CA GLU A 282 0.93 19.42 9.74
C GLU A 282 2.38 19.68 10.15
N THR A 283 2.54 20.59 11.12
CA THR A 283 3.84 20.89 11.74
C THR A 283 3.68 21.59 13.09
N TYR A 284 4.67 21.41 13.96
CA TYR A 284 4.68 22.09 15.26
C TYR A 284 5.60 23.32 15.28
N THR A 285 6.05 23.73 14.10
CA THR A 285 6.96 24.87 13.97
C THR A 285 6.27 26.17 14.36
N ASP A 286 6.83 26.83 15.37
CA ASP A 286 6.28 28.08 15.90
C ASP A 286 6.56 29.26 14.97
N GLY A 287 5.82 30.35 15.14
CA GLY A 287 6.00 31.57 14.37
C GLY A 287 5.00 31.72 13.24
N GLY A 288 4.97 32.91 12.65
CA GLY A 288 4.10 33.20 11.52
C GLY A 288 4.70 32.66 10.23
N LEU A 289 4.36 31.42 9.90
CA LEU A 289 4.93 30.71 8.76
C LEU A 289 4.55 31.29 7.40
N VAL A 290 3.37 31.89 7.31
CA VAL A 290 2.87 32.46 6.05
C VAL A 290 3.59 33.77 5.70
N SER A 291 3.66 34.69 6.66
CA SER A 291 4.33 35.99 6.43
C SER A 291 5.85 35.85 6.30
N SER A 292 6.40 34.73 6.80
CA SER A 292 7.81 34.42 6.65
C SER A 292 8.15 33.95 5.23
N GLY A 293 7.15 33.40 4.54
CA GLY A 293 7.39 32.67 3.30
C GLY A 293 7.80 31.24 3.63
N GLN A 294 7.86 30.95 4.92
CA GLN A 294 8.24 29.64 5.43
C GLN A 294 7.15 28.58 5.18
N ILE A 295 5.98 29.03 4.77
CA ILE A 295 4.83 28.15 4.48
C ILE A 295 5.10 27.18 3.32
N ASP A 296 6.03 27.55 2.44
CA ASP A 296 6.43 26.72 1.30
C ASP A 296 6.99 25.37 1.74
N LYS A 297 7.69 25.35 2.88
CA LYS A 297 8.23 24.11 3.46
C LYS A 297 7.14 23.11 3.81
N PHE A 298 5.95 23.63 4.08
CA PHE A 298 4.83 22.81 4.54
C PHE A 298 3.70 22.75 3.52
N THR A 299 4.05 23.00 2.26
CA THR A 299 3.15 22.82 1.14
C THR A 299 3.56 21.56 0.37
N THR A 300 2.62 20.63 0.22
CA THR A 300 2.84 19.41 -0.55
C THR A 300 1.75 19.27 -1.62
N GLY A 301 1.76 18.17 -2.37
CA GLY A 301 0.77 17.98 -3.41
C GLY A 301 0.75 16.61 -4.05
N GLN A 302 -0.12 16.43 -5.04
CA GLN A 302 -0.25 15.17 -5.74
C GLN A 302 -0.76 15.41 -7.16
N TYR A 303 -0.26 14.61 -8.11
CA TYR A 303 -0.77 14.66 -9.47
C TYR A 303 -2.00 13.79 -9.60
N TYR A 304 -2.90 14.21 -10.48
CA TYR A 304 -4.10 13.45 -10.81
C TYR A 304 -4.27 13.38 -12.31
N TYR A 305 -4.64 12.19 -12.79
CA TYR A 305 -4.74 11.93 -14.21
C TYR A 305 -6.15 11.46 -14.51
N TYR A 306 -6.80 12.13 -15.47
CA TYR A 306 -8.17 11.82 -15.80
C TYR A 306 -8.55 12.22 -17.23
N LEU A 307 -9.51 11.50 -17.78
CA LEU A 307 -10.13 11.87 -19.05
C LEU A 307 -11.36 12.69 -18.75
N LEU A 308 -11.45 13.87 -19.35
CA LEU A 308 -12.68 14.67 -19.25
C LEU A 308 -13.54 14.44 -20.49
N GLU A 309 -14.84 14.29 -20.29
CA GLU A 309 -15.78 14.10 -21.39
C GLU A 309 -16.38 15.43 -21.81
N LEU A 310 -16.29 15.73 -23.11
CA LEU A 310 -16.78 16.97 -23.67
C LEU A 310 -17.92 16.72 -24.65
N ASP A 311 -18.89 17.62 -24.69
CA ASP A 311 -19.93 17.59 -25.73
C ASP A 311 -19.48 18.45 -26.91
N ASP A 312 -20.38 18.68 -27.87
CA ASP A 312 -20.09 19.50 -29.04
C ASP A 312 -19.65 20.92 -28.71
N ALA A 313 -20.32 21.53 -27.73
CA ALA A 313 -20.01 22.89 -27.29
C ALA A 313 -18.72 22.97 -26.48
N GLY A 314 -18.06 21.82 -26.29
CA GLY A 314 -16.82 21.76 -25.52
C GLY A 314 -17.04 21.93 -24.03
N GLU A 315 -18.23 21.54 -23.58
CA GLU A 315 -18.60 21.64 -22.18
C GLU A 315 -18.36 20.32 -21.47
N ILE A 316 -17.81 20.40 -20.26
CA ILE A 316 -17.53 19.21 -19.46
C ILE A 316 -18.82 18.57 -18.97
N ILE A 317 -19.06 17.34 -19.40
CA ILE A 317 -20.29 16.61 -19.05
C ILE A 317 -20.00 15.34 -18.24
N GLY A 318 -18.72 15.03 -18.06
CA GLY A 318 -18.31 13.82 -17.37
C GLY A 318 -16.82 13.59 -17.36
N GLY A 319 -16.40 12.45 -16.84
CA GLY A 319 -14.98 12.13 -16.71
C GLY A 319 -14.73 10.71 -16.22
N GLU A 320 -13.46 10.32 -16.28
CA GLU A 320 -13.01 9.01 -15.79
C GLU A 320 -11.58 9.13 -15.25
N TRP A 321 -11.33 8.53 -14.09
CA TRP A 321 -9.98 8.50 -13.52
C TRP A 321 -9.10 7.49 -14.26
N VAL A 322 -7.83 7.84 -14.47
CA VAL A 322 -6.87 6.96 -15.13
C VAL A 322 -5.52 6.94 -14.38
N TYR A 323 -4.59 6.11 -14.87
CA TYR A 323 -3.21 6.06 -14.35
C TYR A 323 -3.09 5.91 -12.83
N GLY A 324 -3.92 5.09 -12.24
CA GLY A 324 -3.82 4.82 -10.80
C GLY A 324 -4.34 5.93 -9.89
N SER A 325 -4.86 6.99 -10.49
CA SER A 325 -5.67 7.97 -9.76
C SER A 325 -7.09 7.40 -9.60
N ASP A 326 -7.25 6.16 -10.05
CA ASP A 326 -8.47 5.37 -9.90
C ASP A 326 -8.74 5.06 -8.42
N ASP A 327 -7.68 4.73 -7.68
CA ASP A 327 -7.77 4.46 -6.24
C ASP A 327 -7.31 5.65 -5.42
N ASP A 328 -6.45 6.47 -6.00
CA ASP A 328 -5.79 7.56 -5.28
C ASP A 328 -6.30 8.94 -5.71
N HIS A 329 -7.49 9.28 -5.25
CA HIS A 329 -8.11 10.57 -5.53
C HIS A 329 -8.96 11.03 -4.34
N PRO A 330 -9.10 12.35 -4.15
CA PRO A 330 -9.84 12.90 -3.00
C PRO A 330 -11.26 12.34 -2.86
N ASP A 331 -11.64 11.98 -1.64
CA ASP A 331 -12.96 11.43 -1.36
C ASP A 331 -14.05 12.49 -1.37
N PHE A 332 -13.74 13.66 -0.81
CA PHE A 332 -14.69 14.77 -0.73
C PHE A 332 -14.02 16.14 -0.69
N LEU A 333 -14.80 17.16 -1.02
CA LEU A 333 -14.37 18.56 -0.96
C LEU A 333 -15.40 19.34 -0.16
N TRP A 334 -14.95 20.16 0.79
CA TRP A 334 -15.86 21.02 1.54
C TRP A 334 -15.29 22.38 1.88
N LEU A 335 -16.18 23.37 1.97
CA LEU A 335 -15.80 24.74 2.34
C LEU A 335 -16.52 25.15 3.63
N PRO A 336 -15.80 25.81 4.55
CA PRO A 336 -16.47 26.43 5.68
C PRO A 336 -17.13 27.75 5.24
N LYS A 337 -18.44 27.88 5.49
CA LYS A 337 -19.21 29.05 5.07
C LYS A 337 -18.71 30.33 5.73
N ALA A 338 -18.46 30.26 7.04
CA ALA A 338 -18.04 31.41 7.82
C ALA A 338 -17.38 30.96 9.13
N LYS A 339 -16.73 31.90 9.81
CA LYS A 339 -16.19 31.68 11.15
C LYS A 339 -17.32 31.32 12.12
N PRO A 340 -17.00 30.59 13.21
CA PRO A 340 -17.99 30.40 14.27
C PRO A 340 -18.48 31.73 14.85
N ALA A 341 -19.64 31.69 15.48
CA ALA A 341 -20.30 32.89 15.98
C ALA A 341 -19.48 33.61 17.06
N ALA A 342 -19.49 34.94 16.99
CA ALA A 342 -18.63 35.82 17.80
C ALA A 342 -18.27 35.34 19.21
N ASN A 343 -19.28 34.96 20.00
CA ASN A 343 -19.07 34.70 21.41
C ASN A 343 -19.28 33.25 21.85
N THR A 344 -19.12 32.32 20.91
CA THR A 344 -19.32 30.90 21.19
C THR A 344 -18.36 30.40 22.26
N VAL A 345 -18.89 29.60 23.19
CA VAL A 345 -18.07 28.92 24.19
C VAL A 345 -18.22 27.41 23.99
N THR A 346 -17.08 26.74 23.81
CA THR A 346 -17.03 25.29 23.60
C THR A 346 -17.43 24.56 24.89
N SER A 347 -17.85 23.30 24.76
CA SER A 347 -18.22 22.50 25.92
C SER A 347 -17.01 22.18 26.81
N VAL A 348 -15.80 22.46 26.31
CA VAL A 348 -14.58 22.31 27.10
C VAL A 348 -14.29 23.58 27.91
N GLY A 349 -15.03 24.64 27.62
CA GLY A 349 -14.87 25.91 28.32
C GLY A 349 -14.01 26.90 27.57
N LEU A 350 -13.81 26.64 26.28
CA LEU A 350 -12.98 27.47 25.44
C LEU A 350 -13.84 28.54 24.79
N SER A 351 -13.64 29.80 25.18
CA SER A 351 -14.38 30.92 24.62
C SER A 351 -13.72 31.45 23.36
N TYR A 352 -14.48 31.50 22.27
CA TYR A 352 -13.99 32.03 21.01
C TYR A 352 -13.75 33.53 21.08
N ALA A 353 -14.46 34.20 22.00
CA ALA A 353 -14.28 35.62 22.24
C ALA A 353 -12.87 35.88 22.78
N ASP A 354 -12.45 35.04 23.73
CA ASP A 354 -11.11 35.12 24.33
C ASP A 354 -10.02 34.82 23.31
N VAL A 355 -10.24 33.79 22.49
CA VAL A 355 -9.28 33.35 21.49
C VAL A 355 -9.15 34.35 20.34
N SER A 356 -10.28 34.89 19.88
CA SER A 356 -10.28 35.93 18.83
C SER A 356 -9.46 37.14 19.26
N MET A 357 -9.62 37.54 20.52
CA MET A 357 -8.90 38.67 21.10
C MET A 357 -7.39 38.49 21.00
N LEU A 358 -6.93 37.28 21.32
CA LEU A 358 -5.50 36.94 21.26
C LEU A 358 -5.00 36.82 19.83
N LEU A 359 -5.83 36.24 18.96
CA LEU A 359 -5.52 36.11 17.53
C LEU A 359 -5.32 37.46 16.84
N LYS A 360 -6.15 38.44 17.20
CA LYS A 360 -6.06 39.78 16.61
C LYS A 360 -4.76 40.47 16.99
N LYS A 361 -4.34 40.29 18.23
CA LYS A 361 -3.08 40.86 18.73
C LYS A 361 -1.87 40.17 18.13
N SER A 362 -1.99 38.87 17.90
CA SER A 362 -0.89 38.08 17.34
C SER A 362 -0.61 38.43 15.88
N ALA A 363 -1.67 38.65 15.11
CA ALA A 363 -1.57 38.97 13.69
C ALA A 363 -1.08 40.40 13.45
N ALA A 364 -1.47 41.31 14.35
CA ALA A 364 -1.09 42.72 14.25
C ALA A 364 0.24 43.00 14.95
N CYS A 365 0.76 41.98 15.64
CA CYS A 365 2.00 42.08 16.41
C CYS A 365 1.98 43.20 17.48
N THR A 366 1.08 43.05 18.46
CA THR A 366 1.00 43.92 19.63
C THR A 366 0.86 43.06 20.88
N GLU B 1 -11.38 -9.35 -21.12
CA GLU B 1 -10.95 -9.39 -22.55
C GLU B 1 -10.48 -10.78 -22.98
N ALA B 2 -10.32 -10.97 -24.29
CA ALA B 2 -10.01 -12.27 -24.89
C ALA B 2 -8.73 -12.94 -24.35
N ASN B 3 -8.67 -14.26 -24.52
CA ASN B 3 -7.59 -15.10 -24.00
C ASN B 3 -6.59 -15.55 -25.09
N GLY B 4 -5.31 -15.46 -24.76
CA GLY B 4 -4.23 -15.89 -25.66
C GLY B 4 -3.88 -17.37 -25.54
N ASN B 5 -3.84 -18.05 -26.68
CA ASN B 5 -3.50 -19.48 -26.72
C ASN B 5 -2.00 -19.78 -26.61
N GLN B 6 -1.19 -18.72 -26.50
CA GLN B 6 0.27 -18.84 -26.36
C GLN B 6 0.69 -19.63 -25.12
N ASP B 7 0.14 -19.24 -23.97
CA ASP B 7 0.47 -19.89 -22.70
C ASP B 7 -0.18 -21.27 -22.58
N ILE B 8 -1.40 -21.40 -23.11
CA ILE B 8 -2.12 -22.67 -23.13
C ILE B 8 -1.35 -23.73 -23.93
N ALA B 9 -0.80 -23.31 -25.08
CA ALA B 9 -0.03 -24.20 -25.96
C ALA B 9 1.20 -24.77 -25.27
N LYS B 10 1.88 -23.92 -24.49
CA LYS B 10 3.05 -24.33 -23.71
C LYS B 10 2.73 -25.42 -22.70
N LEU B 11 1.58 -25.30 -22.06
CA LEU B 11 1.12 -26.28 -21.08
C LEU B 11 0.75 -27.60 -21.74
N GLU B 12 0.00 -27.52 -22.84
CA GLU B 12 -0.45 -28.69 -23.60
C GLU B 12 0.71 -29.46 -24.23
N ALA B 13 1.80 -28.74 -24.54
CA ALA B 13 3.02 -29.35 -25.03
C ALA B 13 3.76 -30.09 -23.93
N TYR B 14 3.83 -29.48 -22.74
CA TYR B 14 4.54 -30.06 -21.62
C TYR B 14 3.84 -31.29 -21.02
N PHE B 15 2.52 -31.18 -20.82
CA PHE B 15 1.75 -32.27 -20.23
C PHE B 15 1.36 -33.34 -21.25
N GLY B 16 1.34 -32.97 -22.52
CA GLY B 16 0.99 -33.91 -23.59
C GLY B 16 -0.48 -34.26 -23.62
N THR B 17 -1.31 -33.30 -23.22
CA THR B 17 -2.76 -33.42 -23.24
C THR B 17 -3.40 -32.04 -23.30
N LYS B 18 -4.60 -31.95 -23.88
CA LYS B 18 -5.30 -30.68 -24.00
C LYS B 18 -5.76 -30.18 -22.63
N MET B 19 -5.81 -28.86 -22.47
CA MET B 19 -6.36 -28.25 -21.26
C MET B 19 -7.88 -28.18 -21.38
N GLU B 20 -8.58 -28.51 -20.29
CA GLU B 20 -10.04 -28.37 -20.26
C GLU B 20 -10.41 -26.88 -20.22
N MET B 21 -11.30 -26.48 -21.12
CA MET B 21 -11.66 -25.08 -21.30
C MET B 21 -13.10 -24.78 -20.90
N THR B 22 -13.90 -25.84 -20.77
CA THR B 22 -15.30 -25.72 -20.34
C THR B 22 -15.36 -25.62 -18.83
N LEU B 23 -15.88 -24.49 -18.33
CA LEU B 23 -15.90 -24.19 -16.90
C LEU B 23 -16.64 -25.23 -16.05
N LYS B 24 -17.81 -25.67 -16.54
CA LYS B 24 -18.63 -26.66 -15.83
C LYS B 24 -17.93 -28.00 -15.61
N ASP B 25 -16.95 -28.30 -16.47
CA ASP B 25 -16.21 -29.56 -16.41
C ASP B 25 -14.88 -29.46 -15.66
N LEU B 26 -14.57 -28.27 -15.17
CA LEU B 26 -13.32 -28.05 -14.44
C LEU B 26 -13.48 -28.39 -12.96
N PRO B 27 -12.44 -28.98 -12.35
CA PRO B 27 -12.48 -29.19 -10.90
C PRO B 27 -12.52 -27.87 -10.16
N THR B 28 -13.18 -27.86 -9.00
CA THR B 28 -13.30 -26.64 -8.19
C THR B 28 -12.32 -26.65 -7.02
N VAL B 29 -11.53 -27.72 -6.93
CA VAL B 29 -10.47 -27.83 -5.93
C VAL B 29 -9.31 -28.67 -6.47
N GLY B 30 -8.09 -28.27 -6.10
CA GLY B 30 -6.89 -29.01 -6.44
C GLY B 30 -5.84 -28.80 -5.37
N VAL B 31 -5.30 -29.89 -4.84
CA VAL B 31 -4.28 -29.83 -3.80
C VAL B 31 -3.13 -30.77 -4.16
N HIS B 32 -1.91 -30.23 -4.16
CA HIS B 32 -0.73 -31.01 -4.50
C HIS B 32 -0.20 -31.77 -3.29
N THR B 33 -0.05 -33.09 -3.45
CA THR B 33 0.54 -33.93 -2.41
C THR B 33 1.68 -34.75 -2.99
N PRO B 34 2.83 -34.80 -2.28
CA PRO B 34 3.08 -34.12 -1.02
C PRO B 34 3.24 -32.63 -1.24
N SER B 35 2.85 -31.83 -0.24
CA SER B 35 3.00 -30.38 -0.30
C SER B 35 4.47 -30.00 -0.47
N PRO B 36 4.73 -28.94 -1.28
CA PRO B 36 6.10 -28.42 -1.38
C PRO B 36 6.56 -27.96 0.00
N TRP B 37 7.83 -28.18 0.31
CA TRP B 37 8.35 -27.83 1.63
C TRP B 37 8.70 -26.35 1.80
N ALA B 38 8.59 -25.87 3.04
CA ALA B 38 8.98 -24.51 3.38
C ALA B 38 10.47 -24.45 3.64
N GLY B 39 11.06 -23.29 3.31
CA GLY B 39 12.46 -23.02 3.53
C GLY B 39 12.77 -21.56 3.30
N PRO B 40 13.98 -21.12 3.65
CA PRO B 40 14.37 -19.73 3.45
C PRO B 40 14.69 -19.43 2.00
N TYR B 41 14.74 -18.13 1.68
CA TYR B 41 15.20 -17.67 0.38
C TYR B 41 16.68 -17.28 0.46
N TRP B 42 17.30 -17.68 1.58
CA TRP B 42 18.74 -17.53 1.84
C TRP B 42 19.30 -16.19 1.36
N PRO B 43 18.76 -15.07 1.92
CA PRO B 43 18.99 -13.71 1.42
C PRO B 43 20.46 -13.37 1.19
N THR B 44 20.69 -12.61 0.13
CA THR B 44 22.03 -12.15 -0.25
C THR B 44 22.70 -11.34 0.86
N TYR B 45 21.94 -10.42 1.45
CA TYR B 45 22.45 -9.51 2.48
C TYR B 45 22.92 -10.21 3.77
N GLN B 46 22.59 -11.50 3.88
CA GLN B 46 23.06 -12.31 5.00
C GLN B 46 24.13 -13.30 4.56
N ASP B 47 24.69 -13.06 3.36
CA ASP B 47 25.78 -13.87 2.81
C ASP B 47 25.32 -15.26 2.36
N SER B 48 24.16 -15.32 1.70
CA SER B 48 23.59 -16.55 1.16
C SER B 48 23.61 -17.71 2.18
N ILE B 49 24.12 -18.86 1.78
CA ILE B 49 24.15 -20.04 2.67
C ILE B 49 25.34 -20.05 3.63
N ASN B 50 26.11 -18.96 3.64
CA ASN B 50 27.19 -18.76 4.61
C ASN B 50 26.63 -18.35 5.98
N VAL B 51 25.37 -17.95 6.00
CA VAL B 51 24.70 -17.51 7.21
C VAL B 51 24.59 -18.62 8.25
N GLN B 52 24.79 -18.27 9.51
CA GLN B 52 24.56 -19.19 10.62
C GLN B 52 23.11 -19.02 11.06
N TRP B 53 22.26 -19.94 10.59
CA TRP B 53 20.82 -19.88 10.85
C TRP B 53 20.46 -20.35 12.26
N SER B 54 21.30 -21.21 12.84
CA SER B 54 21.20 -21.54 14.26
C SER B 54 22.48 -21.13 14.99
N GLN B 55 22.34 -20.28 16.00
CA GLN B 55 23.48 -19.71 16.73
C GLN B 55 24.43 -20.78 17.29
N GLY B 56 25.73 -20.51 17.20
CA GLY B 56 26.76 -21.40 17.74
C GLY B 56 27.07 -22.61 16.90
N GLN B 57 26.38 -22.73 15.76
CA GLN B 57 26.60 -23.82 14.80
C GLN B 57 27.28 -23.29 13.54
N PRO B 58 28.12 -24.14 12.90
CA PRO B 58 28.69 -23.77 11.61
C PRO B 58 27.60 -23.66 10.54
N SER B 59 27.82 -22.79 9.55
CA SER B 59 26.87 -22.61 8.46
C SER B 59 26.75 -23.85 7.59
N ALA B 60 25.70 -23.88 6.77
CA ALA B 60 25.49 -24.98 5.83
C ALA B 60 26.66 -25.12 4.86
N ALA B 61 27.17 -23.97 4.40
CA ALA B 61 28.33 -23.91 3.52
C ALA B 61 29.57 -24.53 4.17
N GLU B 62 29.87 -24.12 5.40
CA GLU B 62 31.01 -24.65 6.13
C GLU B 62 30.89 -26.16 6.35
N LYS B 63 29.70 -26.60 6.71
CA LYS B 63 29.44 -28.03 6.91
C LYS B 63 29.70 -28.84 5.65
N TYR B 64 29.32 -28.29 4.51
CA TYR B 64 29.57 -28.94 3.21
C TYR B 64 31.06 -29.10 2.95
N ALA B 65 31.80 -27.99 3.06
CA ALA B 65 33.24 -27.98 2.85
C ALA B 65 33.93 -29.03 3.71
N LYS B 66 33.65 -29.02 5.00
CA LYS B 66 34.25 -29.94 5.96
C LYS B 66 34.00 -31.41 5.60
N ALA B 67 32.76 -31.70 5.20
CA ALA B 67 32.34 -33.07 4.93
C ALA B 67 32.87 -33.66 3.64
N PHE B 68 33.22 -32.79 2.69
CA PHE B 68 33.62 -33.24 1.36
C PHE B 68 35.04 -32.80 0.94
N GLY B 69 35.91 -32.64 1.93
CA GLY B 69 37.34 -32.36 1.70
C GLY B 69 37.66 -31.04 1.01
N LYS B 70 36.85 -30.02 1.26
CA LYS B 70 37.08 -28.68 0.72
C LYS B 70 37.62 -27.72 1.78
N ASP B 71 38.33 -26.69 1.34
CA ASP B 71 38.81 -25.66 2.26
C ASP B 71 37.65 -24.72 2.59
N VAL B 72 37.34 -24.62 3.88
CA VAL B 72 36.20 -23.85 4.36
C VAL B 72 36.25 -22.39 3.90
N LYS B 73 37.41 -21.76 4.09
CA LYS B 73 37.61 -20.35 3.75
C LYS B 73 37.44 -20.11 2.24
N THR B 74 37.93 -21.05 1.44
CA THR B 74 37.85 -20.94 -0.03
C THR B 74 36.42 -21.08 -0.52
N PHE B 75 35.75 -22.16 -0.09
CA PHE B 75 34.38 -22.46 -0.51
C PHE B 75 33.39 -21.35 -0.13
N MET B 76 33.47 -20.89 1.11
CA MET B 76 32.59 -19.83 1.60
C MET B 76 32.79 -18.49 0.87
N ASP B 77 34.03 -18.23 0.43
CA ASP B 77 34.32 -17.07 -0.41
C ASP B 77 33.68 -17.22 -1.79
N ALA B 78 33.70 -18.44 -2.32
CA ALA B 78 33.08 -18.75 -3.62
C ALA B 78 31.57 -18.59 -3.56
N VAL B 79 30.98 -19.03 -2.43
CA VAL B 79 29.57 -18.84 -2.16
C VAL B 79 29.24 -17.34 -2.10
N SER B 80 30.09 -16.59 -1.40
CA SER B 80 29.88 -15.16 -1.22
C SER B 80 30.05 -14.37 -2.52
N LYS B 81 31.03 -14.76 -3.33
CA LYS B 81 31.32 -14.07 -4.59
C LYS B 81 30.23 -14.27 -5.64
N LYS B 82 29.62 -15.46 -5.65
CA LYS B 82 28.59 -15.79 -6.63
C LYS B 82 27.18 -15.46 -6.16
N ASN B 83 26.95 -15.60 -4.85
CA ASN B 83 25.60 -15.48 -4.27
C ASN B 83 25.49 -14.61 -3.03
N GLY B 84 26.56 -14.56 -2.24
CA GLY B 84 26.54 -13.86 -0.96
C GLY B 84 26.84 -12.38 -1.04
N ILE B 85 27.46 -11.86 0.03
CA ILE B 85 27.75 -10.43 0.17
C ILE B 85 28.75 -9.91 -0.87
N ASP B 86 29.83 -10.65 -1.07
CA ASP B 86 30.89 -10.24 -2.01
C ASP B 86 30.41 -10.15 -3.47
N SER B 87 29.20 -10.64 -3.74
CA SER B 87 28.62 -10.54 -5.08
C SER B 87 28.11 -9.14 -5.41
N GLN B 88 28.04 -8.28 -4.41
CA GLN B 88 27.52 -6.91 -4.58
C GLN B 88 28.57 -5.84 -4.25
N SER B 89 29.76 -5.99 -4.82
CA SER B 89 30.88 -5.06 -4.61
C SER B 89 30.58 -3.66 -5.16
N GLY B 90 29.88 -3.62 -6.30
CA GLY B 90 29.57 -2.36 -6.99
C GLY B 90 28.55 -1.46 -6.31
N ARG B 91 28.17 -1.80 -5.08
CA ARG B 91 27.20 -1.02 -4.32
C ARG B 91 27.88 -0.24 -3.19
N LYS B 92 27.15 0.72 -2.61
CA LYS B 92 27.67 1.61 -1.58
C LYS B 92 28.29 0.88 -0.40
N LYS B 93 29.59 1.10 -0.18
CA LYS B 93 30.32 0.51 0.93
C LYS B 93 29.84 1.10 2.25
N CYS B 94 29.87 0.29 3.32
CA CYS B 94 29.34 0.69 4.62
C CYS B 94 30.03 -0.04 5.78
N SER B 95 29.72 0.38 7.00
CA SER B 95 30.21 -0.29 8.21
C SER B 95 29.14 -0.38 9.31
N SER B 96 28.03 0.34 9.08
CA SER B 96 26.84 0.25 9.94
C SER B 96 25.58 0.61 9.14
N ASP B 97 24.42 0.21 9.65
CA ASP B 97 23.12 0.43 8.97
C ASP B 97 22.82 1.89 8.65
N ASP B 98 23.42 2.81 9.43
CA ASP B 98 23.19 4.25 9.27
C ASP B 98 23.77 4.80 7.96
N ASP B 99 24.81 4.15 7.45
CA ASP B 99 25.51 4.57 6.23
C ASP B 99 24.64 4.57 4.97
N CYS B 100 23.46 3.97 5.06
CA CYS B 100 22.59 3.82 3.89
C CYS B 100 21.18 4.39 4.08
N SER B 101 21.12 5.54 4.73
CA SER B 101 19.89 6.28 4.94
C SER B 101 19.40 6.94 3.63
N THR B 102 20.33 7.18 2.71
CA THR B 102 20.06 7.90 1.46
C THR B 102 19.32 7.07 0.41
N LEU B 103 19.59 5.76 0.38
CA LEU B 103 19.03 4.86 -0.63
C LEU B 103 17.55 4.56 -0.40
N THR B 104 16.81 4.35 -1.48
CA THR B 104 15.35 4.10 -1.41
C THR B 104 14.96 2.70 -1.90
N ASP B 105 15.92 1.78 -1.95
CA ASP B 105 15.71 0.42 -2.45
C ASP B 105 15.47 -0.61 -1.34
N GLY B 106 15.55 -0.17 -0.09
CA GLY B 106 15.35 -1.04 1.06
C GLY B 106 16.61 -1.80 1.45
N SER B 107 17.75 -1.14 1.28
CA SER B 107 19.06 -1.73 1.58
C SER B 107 19.32 -1.87 3.08
N SER B 108 20.31 -2.70 3.42
CA SER B 108 20.80 -2.86 4.77
C SER B 108 22.29 -3.15 4.69
N CYS B 109 23.05 -2.64 5.65
CA CYS B 109 24.50 -2.84 5.65
C CYS B 109 24.84 -4.29 5.97
N SER B 110 25.52 -4.94 5.03
CA SER B 110 25.79 -6.37 5.08
C SER B 110 27.28 -6.63 5.29
N ILE B 111 27.62 -7.20 6.44
CA ILE B 111 29.01 -7.49 6.78
C ILE B 111 29.22 -9.00 6.95
N ARG B 112 30.29 -9.51 6.36
CA ARG B 112 30.64 -10.93 6.45
C ARG B 112 31.17 -11.27 7.85
N THR B 113 30.97 -12.52 8.26
CA THR B 113 31.43 -13.02 9.57
C THR B 113 32.93 -12.79 9.76
N GLY B 114 33.26 -11.95 10.73
CA GLY B 114 34.66 -11.61 11.02
C GLY B 114 35.06 -10.23 10.53
N LYS B 115 34.54 -9.82 9.38
CA LYS B 115 34.85 -8.52 8.78
C LYS B 115 34.22 -7.37 9.57
N THR B 116 34.62 -6.13 9.24
CA THR B 116 34.13 -4.94 9.96
C THR B 116 33.49 -3.92 9.02
N SER B 117 33.58 -4.16 7.71
CA SER B 117 32.95 -3.30 6.71
C SER B 117 32.37 -4.13 5.58
N GLY B 118 31.29 -3.65 4.98
CA GLY B 118 30.63 -4.36 3.89
C GLY B 118 29.97 -3.45 2.87
N TYR B 119 28.88 -3.93 2.29
CA TYR B 119 28.15 -3.21 1.25
C TYR B 119 26.66 -3.18 1.59
N CYS B 120 25.94 -2.23 0.99
CA CYS B 120 24.49 -2.15 1.21
C CYS B 120 23.69 -2.87 0.13
N ILE B 121 23.10 -3.98 0.55
CA ILE B 121 22.37 -4.88 -0.34
C ILE B 121 20.89 -4.88 0.04
N PRO B 122 19.99 -4.73 -0.96
CA PRO B 122 18.55 -4.86 -0.74
C PRO B 122 18.19 -6.18 -0.04
N THR B 123 17.36 -6.09 0.99
CA THR B 123 16.98 -7.24 1.82
C THR B 123 16.25 -8.34 1.05
N TRP B 124 15.67 -7.98 -0.09
CA TRP B 124 14.85 -8.92 -0.85
C TRP B 124 15.63 -9.77 -1.86
N PHE B 125 16.88 -9.39 -2.12
CA PHE B 125 17.75 -10.18 -3.00
C PHE B 125 17.97 -11.56 -2.40
N GLY B 126 17.76 -12.60 -3.21
CA GLY B 126 17.94 -13.98 -2.75
C GLY B 126 17.79 -15.02 -3.83
N ILE B 127 17.46 -16.24 -3.40
CA ILE B 127 17.31 -17.38 -4.32
C ILE B 127 15.94 -18.06 -4.21
N SER B 128 14.90 -17.23 -4.10
CA SER B 128 13.52 -17.74 -4.01
C SER B 128 13.11 -18.45 -5.29
N HIS B 129 13.67 -18.01 -6.41
CA HIS B 129 13.46 -18.63 -7.71
C HIS B 129 14.04 -20.05 -7.75
N ALA B 130 14.96 -20.35 -6.84
CA ALA B 130 15.64 -21.64 -6.80
C ALA B 130 15.10 -22.58 -5.72
N TRP B 131 14.70 -22.01 -4.57
CA TRP B 131 14.07 -22.78 -3.50
C TRP B 131 12.73 -23.35 -3.97
N SER B 132 11.91 -22.50 -4.59
CA SER B 132 10.57 -22.87 -5.03
C SER B 132 10.51 -24.16 -5.86
N PRO B 133 11.36 -24.31 -6.89
CA PRO B 133 11.37 -25.56 -7.66
C PRO B 133 11.84 -26.75 -6.83
N ALA B 134 12.85 -26.54 -5.99
CA ALA B 134 13.39 -27.60 -5.15
C ALA B 134 12.35 -28.10 -4.17
N ALA B 135 11.52 -27.18 -3.68
CA ALA B 135 10.40 -27.51 -2.80
C ALA B 135 9.43 -28.47 -3.48
N ILE B 136 9.12 -28.18 -4.74
CA ILE B 136 8.20 -28.98 -5.53
C ILE B 136 8.83 -30.31 -5.93
N LEU B 137 10.02 -30.25 -6.52
CA LEU B 137 10.65 -31.42 -7.13
C LEU B 137 11.33 -32.35 -6.13
N GLU B 138 11.98 -31.79 -5.13
CA GLU B 138 12.72 -32.59 -4.14
C GLU B 138 11.85 -33.05 -2.98
N THR B 139 12.04 -34.29 -2.56
CA THR B 139 11.48 -34.80 -1.32
C THR B 139 12.15 -34.05 -0.18
N GLU B 140 11.35 -33.54 0.75
CA GLU B 140 11.84 -32.74 1.86
C GLU B 140 12.81 -33.53 2.76
N PRO B 141 13.89 -32.88 3.20
CA PRO B 141 14.74 -33.48 4.24
C PRO B 141 13.95 -33.65 5.52
N LYS B 142 14.10 -34.79 6.16
CA LYS B 142 13.29 -35.15 7.32
C LYS B 142 14.17 -35.26 8.57
N CYS B 143 15.08 -36.22 8.56
CA CYS B 143 16.02 -36.48 9.66
C CYS B 143 17.41 -35.90 9.35
N PRO B 144 18.17 -35.52 10.40
CA PRO B 144 19.56 -35.11 10.19
C PRO B 144 20.43 -36.26 9.70
N VAL B 145 21.54 -35.94 9.03
CA VAL B 145 22.45 -36.93 8.46
C VAL B 145 23.89 -36.65 8.84
N LYS B 146 24.56 -37.65 9.40
CA LYS B 146 25.99 -37.56 9.70
C LYS B 146 26.79 -38.13 8.53
N HIS B 147 27.68 -37.30 7.98
CA HIS B 147 28.56 -37.72 6.90
C HIS B 147 29.98 -37.20 7.13
N ASN B 148 30.93 -38.13 7.24
CA ASN B 148 32.32 -37.83 7.61
C ASN B 148 32.44 -36.96 8.87
N GLY B 149 31.74 -37.37 9.92
CA GLY B 149 31.77 -36.65 11.20
C GLY B 149 31.09 -35.30 11.23
N VAL B 150 30.35 -34.98 10.16
CA VAL B 150 29.61 -33.73 10.07
C VAL B 150 28.10 -34.03 10.07
N THR B 151 27.38 -33.40 10.99
CA THR B 151 25.94 -33.58 11.07
C THR B 151 25.19 -32.47 10.34
N PHE B 152 24.51 -32.87 9.27
CA PHE B 152 23.71 -31.95 8.47
C PHE B 152 22.28 -31.92 8.97
N GLN B 153 21.81 -30.73 9.30
CA GLN B 153 20.41 -30.57 9.68
C GLN B 153 19.55 -30.56 8.41
N PRO B 154 18.28 -31.00 8.52
CA PRO B 154 17.36 -30.89 7.39
C PRO B 154 17.36 -29.50 6.78
N MET B 155 17.51 -28.48 7.63
CA MET B 155 17.60 -27.09 7.19
C MET B 155 18.89 -26.82 6.40
N ASP B 156 20.00 -27.41 6.84
CA ASP B 156 21.27 -27.30 6.13
C ASP B 156 21.16 -27.84 4.71
N LEU B 157 20.48 -28.99 4.58
CA LEU B 157 20.25 -29.62 3.28
C LEU B 157 19.36 -28.77 2.39
N LYS B 158 18.37 -28.10 2.99
CA LYS B 158 17.51 -27.18 2.26
C LYS B 158 18.33 -26.04 1.65
N ALA B 159 19.36 -25.62 2.38
CA ALA B 159 20.31 -24.60 1.92
C ALA B 159 21.15 -25.07 0.74
N LEU B 160 21.72 -26.27 0.88
CA LEU B 160 22.57 -26.84 -0.16
C LEU B 160 21.80 -27.04 -1.47
N VAL B 161 20.68 -27.76 -1.40
CA VAL B 161 19.88 -28.05 -2.60
C VAL B 161 19.29 -26.78 -3.23
N SER B 162 19.03 -25.76 -2.42
CA SER B 162 18.52 -24.50 -2.93
C SER B 162 19.55 -23.77 -3.79
N LEU B 163 20.81 -23.76 -3.34
CA LEU B 163 21.88 -23.11 -4.08
C LEU B 163 22.26 -23.93 -5.31
N VAL B 164 22.14 -25.25 -5.20
CA VAL B 164 22.34 -26.14 -6.34
C VAL B 164 21.39 -25.77 -7.47
N TYR B 165 20.11 -25.58 -7.14
CA TYR B 165 19.11 -25.18 -8.12
C TYR B 165 19.40 -23.81 -8.75
N ASP B 166 20.03 -22.92 -7.97
CA ASP B 166 20.42 -21.60 -8.49
C ASP B 166 21.56 -21.71 -9.49
N GLY B 167 22.55 -22.55 -9.17
CA GLY B 167 23.73 -22.70 -9.99
C GLY B 167 23.65 -23.79 -11.04
N ALA B 168 22.46 -24.35 -11.22
CA ALA B 168 22.24 -25.37 -12.24
C ALA B 168 21.13 -24.96 -13.19
N ARG B 169 21.20 -25.48 -14.41
CA ARG B 169 20.17 -25.22 -15.41
C ARG B 169 18.91 -25.99 -15.04
N VAL B 170 17.83 -25.26 -14.78
CA VAL B 170 16.55 -25.87 -14.47
C VAL B 170 15.57 -25.55 -15.58
N GLN B 171 15.14 -26.60 -16.29
CA GLN B 171 14.21 -26.46 -17.42
C GLN B 171 12.85 -25.97 -16.93
N THR B 172 12.39 -24.84 -17.48
CA THR B 172 11.12 -24.24 -17.05
C THR B 172 10.09 -24.12 -18.16
N VAL B 173 8.82 -24.26 -17.79
CA VAL B 173 7.70 -23.86 -18.64
C VAL B 173 7.16 -22.55 -18.08
N PHE B 174 7.58 -21.43 -18.68
CA PHE B 174 7.28 -20.10 -18.17
C PHE B 174 6.07 -19.48 -18.87
N THR B 175 5.12 -18.98 -18.09
CA THR B 175 3.89 -18.37 -18.64
C THR B 175 3.51 -17.07 -17.95
N GLY B 176 2.97 -16.13 -18.70
CA GLY B 176 2.53 -14.83 -18.17
C GLY B 176 3.07 -13.65 -18.96
N ASP B 199 1.46 -8.89 -17.80
CA ASP B 199 0.15 -9.06 -17.16
C ASP B 199 -0.27 -10.54 -17.14
N LEU B 200 -1.39 -10.82 -16.48
CA LEU B 200 -1.96 -12.17 -16.44
C LEU B 200 -3.46 -12.13 -16.56
N ASN B 201 -3.98 -12.80 -17.59
CA ASN B 201 -5.42 -12.87 -17.84
C ASN B 201 -6.10 -13.79 -16.83
N PRO B 202 -7.26 -13.37 -16.28
CA PRO B 202 -7.99 -14.18 -15.28
C PRO B 202 -8.42 -15.53 -15.84
N ALA B 203 -8.79 -15.56 -17.11
CA ALA B 203 -9.17 -16.79 -17.80
C ALA B 203 -8.02 -17.78 -17.77
N TYR B 204 -6.83 -17.34 -18.15
CA TYR B 204 -5.68 -18.21 -18.14
C TYR B 204 -5.37 -18.70 -16.73
N PHE B 205 -5.40 -17.77 -15.77
CA PHE B 205 -5.10 -18.09 -14.38
C PHE B 205 -6.00 -19.22 -13.86
N HIS B 206 -7.30 -19.10 -14.10
CA HIS B 206 -8.26 -20.10 -13.67
C HIS B 206 -8.00 -21.45 -14.35
N ILE B 207 -7.90 -21.42 -15.68
CA ILE B 207 -7.66 -22.63 -16.47
C ILE B 207 -6.36 -23.32 -16.06
N ALA B 208 -5.28 -22.55 -15.94
CA ALA B 208 -3.99 -23.09 -15.52
C ALA B 208 -4.11 -23.78 -14.16
N SER B 209 -4.66 -23.07 -13.18
CA SER B 209 -4.74 -23.55 -11.79
C SER B 209 -5.60 -24.80 -11.65
N ALA B 210 -6.81 -24.77 -12.21
CA ALA B 210 -7.73 -25.89 -12.13
C ALA B 210 -7.18 -27.13 -12.85
N ASN B 211 -6.59 -26.92 -14.02
CA ASN B 211 -5.98 -28.01 -14.79
C ASN B 211 -4.76 -28.61 -14.10
N ILE B 212 -3.79 -27.77 -13.77
CA ILE B 212 -2.53 -28.25 -13.19
C ILE B 212 -2.73 -28.90 -11.80
N LEU B 213 -3.42 -28.19 -10.91
CA LEU B 213 -3.60 -28.67 -9.53
C LEU B 213 -4.73 -29.68 -9.37
N GLY B 214 -5.76 -29.56 -10.19
CA GLY B 214 -6.97 -30.38 -10.06
C GLY B 214 -7.04 -31.60 -10.94
N LYS B 215 -6.60 -31.48 -12.19
CA LYS B 215 -6.67 -32.59 -13.14
C LYS B 215 -5.35 -33.31 -13.38
N LEU B 216 -4.23 -32.58 -13.25
CA LEU B 216 -2.94 -33.11 -13.68
C LEU B 216 -1.98 -33.52 -12.55
N ASN B 217 -2.48 -33.54 -11.30
CA ASN B 217 -1.69 -33.97 -10.14
C ASN B 217 -0.31 -33.30 -10.07
N SER B 218 -0.26 -32.04 -10.46
CA SER B 218 0.98 -31.29 -10.52
C SER B 218 0.82 -29.92 -9.84
N THR B 219 1.90 -29.14 -9.78
CA THR B 219 1.83 -27.77 -9.28
C THR B 219 2.77 -26.81 -10.03
N PHE B 220 2.79 -25.55 -9.60
CA PHE B 220 3.64 -24.55 -10.23
C PHE B 220 4.19 -23.53 -9.23
N VAL B 221 4.99 -22.59 -9.74
CA VAL B 221 5.54 -21.49 -8.98
C VAL B 221 4.87 -20.21 -9.47
N ALA B 222 4.68 -19.25 -8.56
CA ALA B 222 4.03 -17.99 -8.91
C ALA B 222 4.64 -16.81 -8.19
N ASP B 223 4.67 -15.65 -8.86
CA ASP B 223 4.99 -14.39 -8.22
C ASP B 223 3.69 -13.83 -7.67
N VAL B 224 3.56 -13.85 -6.35
CA VAL B 224 2.35 -13.41 -5.67
C VAL B 224 2.29 -11.89 -5.54
N THR B 225 3.42 -11.28 -5.18
CA THR B 225 3.52 -9.82 -5.07
C THR B 225 3.48 -9.20 -6.47
N ALA B 226 2.44 -8.40 -6.72
CA ALA B 226 2.24 -7.75 -8.02
C ALA B 226 3.03 -6.45 -8.19
N GLY B 227 3.80 -6.09 -7.15
CA GLY B 227 4.65 -4.91 -7.18
C GLY B 227 5.94 -5.09 -7.98
N ALA B 228 6.94 -4.28 -7.66
CA ALA B 228 8.22 -4.29 -8.37
C ALA B 228 9.02 -5.58 -8.11
N GLU B 229 9.15 -5.94 -6.83
CA GLU B 229 9.89 -7.12 -6.40
C GLU B 229 9.36 -8.41 -7.01
N VAL B 230 10.26 -9.33 -7.30
CA VAL B 230 9.91 -10.65 -7.80
C VAL B 230 9.95 -11.65 -6.63
N TRP B 231 8.79 -12.23 -6.31
CA TRP B 231 8.67 -13.19 -5.21
C TRP B 231 8.12 -14.54 -5.66
N ASN B 232 9.02 -15.49 -5.89
CA ASN B 232 8.64 -16.83 -6.29
C ASN B 232 8.24 -17.68 -5.08
N GLN B 233 7.01 -18.19 -5.09
CA GLN B 233 6.52 -19.06 -4.03
C GLN B 233 5.94 -20.35 -4.63
N PRO B 234 6.28 -21.51 -4.05
CA PRO B 234 5.72 -22.77 -4.52
C PRO B 234 4.25 -22.94 -4.11
N VAL B 235 3.39 -23.18 -5.09
CA VAL B 235 1.95 -23.27 -4.85
C VAL B 235 1.54 -24.65 -4.30
N ARG B 236 0.72 -24.64 -3.26
CA ARG B 236 0.24 -25.88 -2.63
C ARG B 236 -1.14 -26.30 -3.13
N GLY B 237 -2.02 -25.34 -3.33
CA GLY B 237 -3.39 -25.66 -3.70
C GLY B 237 -4.24 -24.54 -4.27
N PHE B 238 -5.33 -24.94 -4.90
CA PHE B 238 -6.28 -24.04 -5.53
C PHE B 238 -7.71 -24.48 -5.16
N LYS B 239 -8.54 -23.51 -4.80
CA LYS B 239 -9.93 -23.77 -4.42
C LYS B 239 -10.86 -22.68 -4.90
N VAL B 240 -11.96 -23.09 -5.55
CA VAL B 240 -13.00 -22.17 -5.99
C VAL B 240 -14.07 -22.05 -4.89
N TYR B 241 -14.20 -20.84 -4.34
CA TYR B 241 -15.15 -20.58 -3.27
C TYR B 241 -16.54 -20.19 -3.78
N GLU B 242 -16.58 -19.51 -4.94
CA GLU B 242 -17.85 -19.11 -5.54
C GLU B 242 -17.83 -19.14 -7.06
N GLN B 243 -18.93 -19.59 -7.64
CA GLN B 243 -19.21 -19.46 -9.07
C GLN B 243 -20.64 -19.00 -9.22
N THR B 244 -20.82 -17.80 -9.76
CA THR B 244 -22.16 -17.25 -9.95
C THR B 244 -22.37 -16.82 -11.40
N GLU B 245 -23.31 -17.49 -12.07
CA GLU B 245 -23.66 -17.14 -13.44
C GLU B 245 -24.36 -15.78 -13.49
N MET B 246 -23.91 -14.95 -14.42
CA MET B 246 -24.50 -13.64 -14.65
C MET B 246 -24.69 -13.42 -16.14
N THR B 247 -25.75 -12.72 -16.51
CA THR B 247 -25.94 -12.32 -17.90
C THR B 247 -24.94 -11.21 -18.21
N LEU B 248 -24.66 -10.99 -19.49
CA LEU B 248 -23.77 -9.91 -19.92
C LEU B 248 -24.16 -8.58 -19.27
N GLU B 249 -25.45 -8.26 -19.32
CA GLU B 249 -25.99 -7.01 -18.78
C GLU B 249 -25.88 -6.94 -17.25
N GLU B 250 -26.06 -8.07 -16.59
CA GLU B 250 -25.91 -8.15 -15.13
C GLU B 250 -24.47 -7.83 -14.71
N GLY B 251 -23.50 -8.45 -15.40
CA GLY B 251 -22.09 -8.25 -15.10
C GLY B 251 -21.61 -6.85 -15.40
N ALA B 252 -22.10 -6.29 -16.50
CA ALA B 252 -21.72 -4.95 -16.96
C ALA B 252 -22.14 -3.87 -15.97
N GLN B 253 -23.36 -3.98 -15.46
CA GLN B 253 -23.92 -3.01 -14.53
C GLN B 253 -23.34 -3.15 -13.13
N THR B 254 -23.21 -4.39 -12.65
CA THR B 254 -22.72 -4.67 -11.30
C THR B 254 -21.27 -4.23 -11.09
N PHE B 255 -20.43 -4.45 -12.09
CA PHE B 255 -19.00 -4.22 -11.94
C PHE B 255 -18.46 -3.01 -12.67
N TYR B 256 -19.19 -2.48 -13.65
CA TYR B 256 -18.71 -1.35 -14.45
C TYR B 256 -19.69 -0.20 -14.59
N GLY B 257 -20.92 -0.40 -14.12
CA GLY B 257 -21.96 0.63 -14.17
C GLY B 257 -22.46 0.90 -15.57
N LEU B 258 -22.34 -0.10 -16.44
CA LEU B 258 -22.71 0.04 -17.85
C LEU B 258 -23.91 -0.82 -18.21
N GLU B 259 -24.63 -0.40 -19.25
CA GLU B 259 -25.80 -1.13 -19.72
C GLU B 259 -25.41 -2.36 -20.54
N ALA B 260 -24.28 -2.28 -21.23
CA ALA B 260 -23.78 -3.38 -22.05
C ALA B 260 -22.34 -3.75 -21.69
N TYR B 261 -21.99 -5.01 -21.91
CA TYR B 261 -20.65 -5.52 -21.61
C TYR B 261 -19.67 -5.19 -22.75
N PRO B 262 -18.66 -4.35 -22.46
CA PRO B 262 -17.79 -3.82 -23.52
C PRO B 262 -16.51 -4.63 -23.82
N TRP B 263 -16.13 -5.51 -22.90
CA TRP B 263 -14.77 -6.10 -22.89
C TRP B 263 -14.49 -7.22 -23.89
N ASN B 264 -15.55 -7.85 -24.41
CA ASN B 264 -15.43 -8.95 -25.37
C ASN B 264 -16.73 -9.16 -26.13
N ALA B 265 -16.71 -8.78 -27.40
CA ALA B 265 -17.87 -8.91 -28.28
C ALA B 265 -18.30 -10.36 -28.51
N ALA B 266 -17.37 -11.28 -28.31
CA ALA B 266 -17.63 -12.71 -28.51
C ALA B 266 -18.22 -13.41 -27.27
N ALA B 267 -18.10 -12.76 -26.12
CA ALA B 267 -18.65 -13.28 -24.86
C ALA B 267 -20.17 -13.31 -24.88
N LYS B 268 -20.74 -14.48 -24.63
CA LYS B 268 -22.20 -14.67 -24.66
C LYS B 268 -22.80 -14.66 -23.25
N SER B 269 -21.99 -15.05 -22.27
CA SER B 269 -22.41 -15.21 -20.89
C SER B 269 -21.25 -14.92 -19.96
N LEU B 270 -21.56 -14.65 -18.68
CA LEU B 270 -20.53 -14.37 -17.68
C LEU B 270 -20.69 -15.27 -16.45
N VAL B 271 -19.59 -15.50 -15.75
CA VAL B 271 -19.60 -16.18 -14.47
C VAL B 271 -18.67 -15.45 -13.50
N TYR B 272 -19.23 -14.92 -12.42
CA TYR B 272 -18.43 -14.31 -11.36
C TYR B 272 -17.78 -15.44 -10.57
N VAL B 273 -16.46 -15.35 -10.39
CA VAL B 273 -15.71 -16.38 -9.69
C VAL B 273 -14.94 -15.78 -8.53
N LYS B 274 -15.01 -16.46 -7.39
CA LYS B 274 -14.14 -16.18 -6.27
C LYS B 274 -13.31 -17.43 -6.00
N SER B 275 -12.00 -17.29 -6.08
CA SER B 275 -11.11 -18.42 -5.85
C SER B 275 -9.96 -18.02 -4.94
N ARG B 276 -9.24 -19.02 -4.45
CA ARG B 276 -8.12 -18.79 -3.55
C ARG B 276 -6.92 -19.64 -3.97
N LEU B 277 -5.76 -19.01 -4.00
CA LEU B 277 -4.50 -19.69 -4.27
C LEU B 277 -3.72 -19.85 -2.97
N SER B 278 -3.28 -21.08 -2.69
CA SER B 278 -2.53 -21.36 -1.47
C SER B 278 -1.09 -21.73 -1.81
N TRP B 279 -0.14 -21.08 -1.14
CA TRP B 279 1.27 -21.33 -1.38
C TRP B 279 2.08 -21.42 -0.08
N ILE B 280 3.32 -21.87 -0.22
CA ILE B 280 4.23 -22.05 0.91
C ILE B 280 5.16 -20.84 1.03
N TYR B 281 5.33 -20.33 2.26
CA TYR B 281 6.23 -19.18 2.49
C TYR B 281 7.47 -19.53 3.32
N GLU B 282 8.34 -18.53 3.47
CA GLU B 282 9.69 -18.73 4.00
C GLU B 282 9.74 -18.99 5.50
N THR B 283 10.59 -19.94 5.90
CA THR B 283 10.88 -20.19 7.32
C THR B 283 12.25 -20.84 7.51
N TYR B 284 12.85 -20.60 8.67
CA TYR B 284 14.12 -21.21 9.05
C TYR B 284 13.92 -22.40 10.00
N THR B 285 12.66 -22.80 10.20
CA THR B 285 12.32 -23.90 11.11
C THR B 285 12.89 -25.25 10.65
N ASP B 286 13.78 -25.80 11.47
CA ASP B 286 14.45 -27.07 11.19
C ASP B 286 13.47 -28.24 11.26
N GLY B 287 13.83 -29.36 10.62
CA GLY B 287 13.04 -30.58 10.69
C GLY B 287 12.18 -30.83 9.48
N GLY B 288 11.57 -32.01 9.44
CA GLY B 288 10.66 -32.39 8.36
C GLY B 288 9.28 -31.78 8.55
N LEU B 289 9.06 -30.65 7.88
CA LEU B 289 7.83 -29.88 8.03
C LEU B 289 6.61 -30.51 7.36
N VAL B 290 6.83 -31.18 6.23
CA VAL B 290 5.73 -31.75 5.45
C VAL B 290 5.21 -33.05 6.06
N SER B 291 6.13 -33.96 6.41
CA SER B 291 5.77 -35.26 6.97
C SER B 291 5.08 -35.16 8.34
N SER B 292 5.51 -34.18 9.13
CA SER B 292 4.94 -33.97 10.46
C SER B 292 3.57 -33.30 10.39
N GLY B 293 3.35 -32.52 9.34
CA GLY B 293 2.11 -31.75 9.19
C GLY B 293 2.29 -30.29 9.56
N GLN B 294 3.45 -29.96 10.13
CA GLN B 294 3.81 -28.60 10.53
C GLN B 294 3.77 -27.62 9.36
N ILE B 295 3.87 -28.17 8.15
CA ILE B 295 3.81 -27.40 6.90
C ILE B 295 2.61 -26.46 6.82
N ASP B 296 1.56 -26.77 7.59
CA ASP B 296 0.33 -25.98 7.61
C ASP B 296 0.52 -24.59 8.21
N LYS B 297 1.49 -24.46 9.12
CA LYS B 297 1.84 -23.16 9.72
C LYS B 297 2.44 -22.22 8.68
N PHE B 298 2.97 -22.79 7.61
CA PHE B 298 3.70 -22.03 6.60
C PHE B 298 3.00 -22.03 5.25
N THR B 299 1.75 -22.47 5.24
CA THR B 299 0.87 -22.31 4.10
C THR B 299 0.05 -21.04 4.28
N THR B 300 0.05 -20.19 3.27
CA THR B 300 -0.74 -18.98 3.27
C THR B 300 -1.51 -18.88 1.96
N GLY B 301 -2.31 -17.82 1.79
CA GLY B 301 -3.12 -17.68 0.59
C GLY B 301 -3.63 -16.29 0.31
N GLN B 302 -4.42 -16.18 -0.76
CA GLN B 302 -4.93 -14.92 -1.25
C GLN B 302 -6.21 -15.18 -2.04
N TYR B 303 -7.25 -14.42 -1.77
CA TYR B 303 -8.49 -14.51 -2.55
C TYR B 303 -8.37 -13.70 -3.83
N TYR B 304 -8.95 -14.23 -4.90
CA TYR B 304 -8.97 -13.56 -6.19
C TYR B 304 -10.38 -13.48 -6.76
N TYR B 305 -10.70 -12.32 -7.33
CA TYR B 305 -12.03 -12.06 -7.85
C TYR B 305 -11.94 -11.70 -9.33
N TYR B 306 -12.74 -12.38 -10.15
CA TYR B 306 -12.76 -12.13 -11.58
C TYR B 306 -14.04 -12.57 -12.24
N LEU B 307 -14.34 -11.94 -13.38
CA LEU B 307 -15.43 -12.37 -14.25
C LEU B 307 -14.85 -13.24 -15.35
N LEU B 308 -15.40 -14.43 -15.53
CA LEU B 308 -15.03 -15.28 -16.66
C LEU B 308 -16.01 -15.09 -17.81
N GLU B 309 -15.46 -14.98 -19.01
CA GLU B 309 -16.27 -14.83 -20.23
C GLU B 309 -16.53 -16.19 -20.87
N LEU B 310 -17.81 -16.49 -21.11
CA LEU B 310 -18.21 -17.77 -21.68
C LEU B 310 -18.87 -17.61 -23.05
N ASP B 311 -18.73 -18.64 -23.88
CA ASP B 311 -19.44 -18.71 -25.17
C ASP B 311 -20.70 -19.57 -25.04
N ASP B 312 -21.32 -19.91 -26.18
CA ASP B 312 -22.53 -20.74 -26.20
C ASP B 312 -22.32 -22.15 -25.66
N ALA B 313 -21.11 -22.67 -25.83
CA ALA B 313 -20.76 -24.02 -25.40
C ALA B 313 -20.32 -24.06 -23.94
N GLY B 314 -20.26 -22.89 -23.30
CA GLY B 314 -19.83 -22.78 -21.91
C GLY B 314 -18.32 -22.84 -21.76
N GLU B 315 -17.61 -22.48 -22.82
CA GLU B 315 -16.16 -22.48 -22.81
C GLU B 315 -15.59 -21.14 -22.40
N ILE B 316 -14.55 -21.18 -21.56
CA ILE B 316 -13.86 -19.98 -21.12
C ILE B 316 -13.08 -19.38 -22.29
N ILE B 317 -13.40 -18.15 -22.64
CA ILE B 317 -12.81 -17.48 -23.79
C ILE B 317 -12.16 -16.15 -23.41
N GLY B 318 -12.25 -15.80 -22.13
CA GLY B 318 -11.71 -14.55 -21.62
C GLY B 318 -12.11 -14.26 -20.19
N GLY B 319 -11.67 -13.10 -19.69
CA GLY B 319 -11.93 -12.72 -18.31
C GLY B 319 -11.52 -11.30 -17.98
N GLU B 320 -12.02 -10.80 -16.86
CA GLU B 320 -11.68 -9.49 -16.34
C GLU B 320 -11.56 -9.54 -14.82
N TRP B 321 -10.46 -9.01 -14.29
CA TRP B 321 -10.25 -8.93 -12.84
C TRP B 321 -11.20 -7.90 -12.25
N VAL B 322 -11.78 -8.23 -11.09
CA VAL B 322 -12.67 -7.30 -10.37
C VAL B 322 -12.24 -7.14 -8.91
N TYR B 323 -12.85 -6.17 -8.23
CA TYR B 323 -12.47 -5.80 -6.85
C TYR B 323 -10.97 -5.52 -6.73
N GLY B 324 -10.35 -6.00 -5.66
CA GLY B 324 -8.93 -5.75 -5.40
C GLY B 324 -7.97 -6.44 -6.37
N SER B 325 -8.46 -7.49 -7.03
CA SER B 325 -7.65 -8.32 -7.92
C SER B 325 -7.20 -7.60 -9.19
N ASP B 326 -7.72 -6.40 -9.41
CA ASP B 326 -7.35 -5.58 -10.56
C ASP B 326 -5.86 -5.23 -10.54
N ASP B 327 -5.37 -4.83 -9.37
CA ASP B 327 -3.97 -4.50 -9.17
C ASP B 327 -3.21 -5.61 -8.43
N ASP B 328 -3.95 -6.49 -7.77
CA ASP B 328 -3.38 -7.52 -6.91
C ASP B 328 -3.64 -8.93 -7.44
N HIS B 329 -2.84 -9.37 -8.41
CA HIS B 329 -2.92 -10.72 -8.96
C HIS B 329 -1.52 -11.20 -9.34
N PRO B 330 -1.32 -12.54 -9.44
CA PRO B 330 -0.01 -13.08 -9.80
C PRO B 330 0.52 -12.58 -11.15
N ASP B 331 1.79 -12.18 -11.18
CA ASP B 331 2.43 -11.68 -12.40
C ASP B 331 2.71 -12.79 -13.41
N PHE B 332 3.25 -13.91 -12.94
CA PHE B 332 3.56 -15.04 -13.80
C PHE B 332 3.39 -16.41 -13.11
N LEU B 333 3.28 -17.45 -13.94
CA LEU B 333 3.19 -18.83 -13.48
C LEU B 333 4.24 -19.67 -14.21
N TRP B 334 5.01 -20.47 -13.47
CA TRP B 334 5.95 -21.38 -14.12
C TRP B 334 6.11 -22.73 -13.43
N LEU B 335 6.44 -23.74 -14.23
CA LEU B 335 6.71 -25.09 -13.75
C LEU B 335 8.15 -25.48 -14.06
N PRO B 336 8.81 -26.19 -13.13
CA PRO B 336 10.07 -26.84 -13.47
C PRO B 336 9.82 -28.18 -14.13
N LYS B 337 10.41 -28.40 -15.30
CA LYS B 337 10.22 -29.64 -16.07
C LYS B 337 10.75 -30.87 -15.33
N ALA B 338 11.99 -30.77 -14.86
CA ALA B 338 12.65 -31.85 -14.12
C ALA B 338 13.74 -31.31 -13.21
N LYS B 339 14.30 -32.19 -12.39
CA LYS B 339 15.42 -31.87 -11.50
C LYS B 339 16.66 -31.53 -12.32
N PRO B 340 17.64 -30.83 -11.70
CA PRO B 340 18.95 -30.69 -12.33
C PRO B 340 19.52 -32.05 -12.73
N ALA B 341 20.27 -32.07 -13.83
CA ALA B 341 20.87 -33.31 -14.30
C ALA B 341 21.82 -33.90 -13.26
N ALA B 342 21.74 -35.22 -13.07
CA ALA B 342 22.59 -35.93 -12.11
C ALA B 342 24.06 -35.58 -12.35
N ASN B 343 24.78 -35.32 -11.27
CA ASN B 343 26.23 -35.03 -11.29
C ASN B 343 26.60 -33.60 -11.67
N THR B 344 25.62 -32.72 -11.82
CA THR B 344 25.90 -31.30 -12.04
C THR B 344 26.73 -30.77 -10.89
N VAL B 345 27.73 -29.96 -11.20
CA VAL B 345 28.47 -29.24 -10.18
C VAL B 345 28.37 -27.74 -10.48
N THR B 346 27.92 -27.00 -9.47
CA THR B 346 27.75 -25.55 -9.58
C THR B 346 29.11 -24.86 -9.60
N SER B 347 29.16 -23.67 -10.17
CA SER B 347 30.37 -22.87 -10.23
C SER B 347 30.93 -22.52 -8.84
N VAL B 348 30.08 -22.60 -7.82
CA VAL B 348 30.53 -22.41 -6.44
C VAL B 348 31.25 -23.65 -5.90
N GLY B 349 31.11 -24.77 -6.61
CA GLY B 349 31.74 -26.02 -6.22
C GLY B 349 30.78 -27.02 -5.62
N LEU B 350 29.49 -26.69 -5.62
CA LEU B 350 28.46 -27.57 -5.08
C LEU B 350 28.13 -28.73 -6.01
N SER B 351 28.42 -29.94 -5.55
CA SER B 351 28.10 -31.14 -6.31
C SER B 351 26.70 -31.63 -5.97
N TYR B 352 25.81 -31.62 -6.97
CA TYR B 352 24.45 -32.12 -6.82
C TYR B 352 24.43 -33.62 -6.54
N ALA B 353 25.48 -34.32 -6.98
CA ALA B 353 25.67 -35.73 -6.69
C ALA B 353 25.89 -35.96 -5.20
N ASP B 354 26.59 -35.03 -4.56
CA ASP B 354 26.82 -35.07 -3.12
C ASP B 354 25.55 -34.72 -2.34
N VAL B 355 24.85 -33.68 -2.78
CA VAL B 355 23.63 -33.22 -2.15
C VAL B 355 22.52 -34.27 -2.22
N SER B 356 22.33 -34.85 -3.41
CA SER B 356 21.34 -35.92 -3.62
C SER B 356 21.58 -37.08 -2.67
N MET B 357 22.85 -37.41 -2.47
CA MET B 357 23.25 -38.49 -1.58
C MET B 357 22.80 -38.20 -0.15
N LEU B 358 22.98 -36.94 0.27
CA LEU B 358 22.52 -36.50 1.58
C LEU B 358 21.00 -36.41 1.66
N LEU B 359 20.37 -35.91 0.60
CA LEU B 359 18.91 -35.77 0.54
C LEU B 359 18.18 -37.10 0.61
N LYS B 360 18.76 -38.14 0.01
CA LYS B 360 18.17 -39.47 0.01
C LYS B 360 18.22 -40.08 1.41
N LYS B 361 19.33 -39.86 2.10
CA LYS B 361 19.53 -40.36 3.46
C LYS B 361 18.63 -39.64 4.47
N SER B 362 18.43 -38.35 4.25
CA SER B 362 17.61 -37.51 5.13
C SER B 362 16.12 -37.89 5.08
N ALA B 363 15.62 -38.12 3.87
CA ALA B 363 14.22 -38.45 3.67
C ALA B 363 13.86 -39.85 4.19
N ALA B 364 14.82 -40.77 4.11
CA ALA B 364 14.61 -42.15 4.56
C ALA B 364 14.99 -42.36 6.03
N CYS B 365 15.65 -41.35 6.61
CA CYS B 365 16.16 -41.40 7.98
C CYS B 365 17.11 -42.58 8.22
N THR B 366 18.33 -42.47 7.67
CA THR B 366 19.32 -43.55 7.70
C THR B 366 20.41 -43.30 8.77
#